data_6NEA
#
_entry.id   6NEA
#
_cell.length_a   104.730
_cell.length_b   104.730
_cell.length_c   324.247
_cell.angle_alpha   90.00
_cell.angle_beta   90.00
_cell.angle_gamma   120.00
#
_symmetry.space_group_name_H-M   'P 31 2 1'
#
loop_
_entity.id
_entity.type
_entity.pdbx_description
1 polymer Acetylcholinesterase
2 branched 2-acetamido-2-deoxy-beta-D-glucopyranose-(1-4)-[alpha-L-fucopyranose-(1-6)]2-acetamido-2-deoxy-beta-D-glucopyranose
3 non-polymer 2-acetamido-2-deoxy-beta-D-glucopyranose
4 non-polymer 1-[({2,4-BIS[(E)-(HYDROXYIMINO)METHYL]PYRIDINIUM-1-YL}METHOXY)METHYL]-4-CARBAMOYLPYRIDINIUM
5 non-polymer alpha-L-fucopyranose
6 water water
#
_entity_poly.entity_id   1
_entity_poly.type   'polypeptide(L)'
_entity_poly.pdbx_seq_one_letter_code
;GREDAELLVTVRGGRLRGIRLKTPGGPVSAFLGIPFAEPPMGPRRFLPPEPKQPWSGVVDATTFQSVCYQYVDTLYPGFE
GTEMWNPNRELSEDCLYLNVWTPYPRPTSPTPVLVWIYGGGFYSGASSLDVYDGRFLVQAERTVLVSMNYRVGAFGFLAL
PGSREAPGNVGLLDQRLALQWVQENVAAFGGDPTSVTLFGESAGAASVGMHLLSPPSRGLFHRAVLQSGAPNGPWATVGM
GEARRRATQLAHLVGCPPGGTGGNDTELVACLRTRPAQVLVNHEWHVLPQESVFRFSFVPVVDGDFLSDTPEALINAGDF
HGLQVLVGVVKDEGSYFLVYGAPGFSKDNESLISRAEFLAGVRVGVPQVSDLAAEAVVLHYTDWLHPEDPARLREALSDV
VGDHNVVCPVAQLAGRLAAQGARVYAYVFEHRASTLSWPLWMGVPHGYEIEFIFGIPLDPSRNYTAEEKIFAQRLMRYWA
NFARTGDPNEPRDPKAPQWPPYTAGAQQYVSLDLRPLEVRRGLRAQACAFWNRFLPKLLSAT
;
_entity_poly.pdbx_strand_id   A,B
#
loop_
_chem_comp.id
_chem_comp.type
_chem_comp.name
_chem_comp.formula
FUC L-saccharide, alpha linking alpha-L-fucopyranose 'C6 H12 O5'
HLO non-polymer 1-[({2,4-BIS[(E)-(HYDROXYIMINO)METHYL]PYRIDINIUM-1-YL}METHOXY)METHYL]-4-CARBAMOYLPYRIDINIUM 'C15 H17 N5 O4 2'
NAG D-saccharide, beta linking 2-acetamido-2-deoxy-beta-D-glucopyranose 'C8 H15 N O6'
#
# COMPACT_ATOMS: atom_id res chain seq x y z
N ARG A 2 7.39 1.90 27.58
CA ARG A 2 6.38 2.65 28.31
C ARG A 2 5.29 3.18 27.39
N GLU A 3 5.49 4.36 26.81
CA GLU A 3 4.47 4.99 25.98
C GLU A 3 5.09 5.57 24.71
N ASP A 4 4.26 5.68 23.67
CA ASP A 4 4.64 6.28 22.39
C ASP A 4 4.02 7.68 22.33
N ALA A 5 4.87 8.70 22.25
CA ALA A 5 4.39 10.08 22.31
C ALA A 5 3.54 10.45 21.10
N GLU A 6 3.78 9.83 19.95
CA GLU A 6 3.01 10.15 18.76
C GLU A 6 1.53 9.75 18.91
N LEU A 7 1.22 8.83 19.82
CA LEU A 7 -0.14 8.36 20.02
C LEU A 7 -0.82 9.03 21.20
N LEU A 8 -0.21 10.07 21.77
CA LEU A 8 -0.76 10.79 22.91
C LEU A 8 -0.98 12.24 22.49
N VAL A 9 -2.22 12.71 22.61
CA VAL A 9 -2.59 14.07 22.23
C VAL A 9 -3.51 14.64 23.30
N THR A 10 -3.39 15.93 23.55
CA THR A 10 -4.26 16.65 24.46
C THR A 10 -5.18 17.55 23.66
N VAL A 11 -6.49 17.40 23.85
CA VAL A 11 -7.47 18.30 23.25
C VAL A 11 -8.12 19.10 24.38
N ARG A 12 -9.08 19.96 24.04
CA ARG A 12 -9.72 20.81 25.04
C ARG A 12 -10.37 19.97 26.14
N GLY A 13 -10.96 18.83 25.77
CA GLY A 13 -11.66 18.02 26.76
C GLY A 13 -10.76 17.20 27.66
N GLY A 14 -9.53 16.92 27.23
CA GLY A 14 -8.64 16.10 28.02
C GLY A 14 -7.65 15.39 27.12
N ARG A 15 -7.04 14.34 27.68
CA ARG A 15 -5.98 13.60 27.00
C ARG A 15 -6.54 12.40 26.25
N LEU A 16 -5.90 12.06 25.13
CA LEU A 16 -6.33 10.98 24.27
C LEU A 16 -5.16 10.04 23.99
N ARG A 17 -5.49 8.78 23.74
CA ARG A 17 -4.52 7.77 23.32
C ARG A 17 -5.02 7.10 22.05
N GLY A 18 -4.17 7.05 21.02
CA GLY A 18 -4.51 6.46 19.74
C GLY A 18 -3.71 5.20 19.46
N ILE A 19 -3.69 4.83 18.17
CA ILE A 19 -3.01 3.63 17.73
C ILE A 19 -2.19 3.93 16.48
N ARG A 20 -1.17 3.10 16.27
CA ARG A 20 -0.33 3.16 15.08
C ARG A 20 -0.87 2.15 14.07
N LEU A 21 -1.42 2.65 12.97
CA LEU A 21 -2.07 1.79 11.98
C LEU A 21 -1.09 1.39 10.89
N LYS A 22 -1.17 0.13 10.48
CA LYS A 22 -0.36 -0.40 9.39
C LYS A 22 -1.08 -0.17 8.08
N THR A 23 -0.42 0.49 7.13
CA THR A 23 -0.90 0.60 5.76
C THR A 23 0.17 0.08 4.82
N PRO A 24 -0.21 -0.34 3.61
CA PRO A 24 0.80 -0.80 2.64
C PRO A 24 1.91 0.20 2.38
N GLY A 25 1.63 1.49 2.47
CA GLY A 25 2.64 2.49 2.20
C GLY A 25 3.45 2.90 3.42
N GLY A 26 2.91 2.70 4.61
CA GLY A 26 3.60 3.10 5.82
C GLY A 26 2.66 3.32 7.00
N PRO A 27 3.23 3.70 8.14
CA PRO A 27 2.43 3.83 9.37
C PRO A 27 1.55 5.07 9.37
N VAL A 28 0.43 4.96 10.08
CA VAL A 28 -0.56 6.01 10.21
C VAL A 28 -0.98 6.09 11.66
N SER A 29 -1.11 7.32 12.17
CA SER A 29 -1.66 7.54 13.50
C SER A 29 -3.17 7.72 13.40
N ALA A 30 -3.91 6.92 14.16
CA ALA A 30 -5.37 6.92 14.12
C ALA A 30 -5.92 7.14 15.52
N PHE A 31 -6.89 8.03 15.63
CA PHE A 31 -7.59 8.32 16.88
C PHE A 31 -9.07 8.08 16.63
N LEU A 32 -9.54 6.88 16.91
CA LEU A 32 -10.87 6.42 16.55
C LEU A 32 -11.77 6.39 17.78
N GLY A 33 -12.95 7.00 17.66
CA GLY A 33 -13.91 7.00 18.75
C GLY A 33 -13.70 8.12 19.75
N ILE A 34 -13.38 9.31 19.27
CA ILE A 34 -13.22 10.49 20.12
C ILE A 34 -14.59 11.09 20.41
N PRO A 35 -14.99 11.18 21.68
CA PRO A 35 -16.30 11.79 21.99
C PRO A 35 -16.25 13.30 21.79
N PHE A 36 -17.23 13.83 21.05
CA PHE A 36 -17.34 15.27 20.87
C PHE A 36 -18.65 15.82 21.42
N ALA A 37 -19.55 14.98 21.88
CA ALA A 37 -20.81 15.42 22.45
C ALA A 37 -21.24 14.47 23.55
N GLU A 38 -22.05 14.99 24.47
CA GLU A 38 -22.68 14.14 25.47
C GLU A 38 -23.64 13.17 24.79
N PRO A 39 -23.76 11.94 25.29
CA PRO A 39 -24.61 10.94 24.63
C PRO A 39 -26.05 11.39 24.56
N PRO A 40 -26.63 11.48 23.36
CA PRO A 40 -28.01 11.96 23.19
C PRO A 40 -29.05 10.89 23.53
N MET A 41 -29.04 10.45 24.78
CA MET A 41 -29.92 9.38 25.24
C MET A 41 -30.89 9.90 26.29
N GLY A 42 -31.92 9.08 26.55
CA GLY A 42 -32.91 9.39 27.55
C GLY A 42 -33.59 10.72 27.28
N PRO A 43 -33.46 11.65 28.23
CA PRO A 43 -34.06 12.99 28.04
C PRO A 43 -33.39 13.81 26.95
N ARG A 44 -32.20 13.42 26.49
CA ARG A 44 -31.49 14.17 25.46
C ARG A 44 -31.84 13.70 24.05
N ARG A 45 -32.69 12.69 23.92
CA ARG A 45 -33.15 12.26 22.61
C ARG A 45 -33.91 13.37 21.91
N PHE A 46 -33.72 13.49 20.59
CA PHE A 46 -34.31 14.50 19.73
C PHE A 46 -33.80 15.92 20.01
N LEU A 47 -32.91 16.10 20.99
CA LEU A 47 -32.42 17.41 21.36
C LEU A 47 -31.12 17.73 20.64
N PRO A 48 -30.77 19.00 20.52
CA PRO A 48 -29.49 19.36 19.92
C PRO A 48 -28.35 18.81 20.74
N PRO A 49 -27.19 18.59 20.11
CA PRO A 49 -26.05 18.05 20.86
C PRO A 49 -25.42 19.10 21.77
N GLU A 50 -25.09 18.70 22.99
CA GLU A 50 -24.32 19.60 23.83
C GLU A 50 -22.87 19.12 23.92
N PRO A 51 -21.92 20.05 24.03
CA PRO A 51 -20.49 19.68 23.94
C PRO A 51 -20.09 18.68 25.02
N LYS A 52 -19.11 17.85 24.67
CA LYS A 52 -18.58 16.86 25.60
C LYS A 52 -17.84 17.57 26.74
N GLN A 53 -18.25 17.30 27.96
CA GLN A 53 -17.62 17.94 29.11
C GLN A 53 -16.24 17.35 29.36
N PRO A 54 -15.30 18.15 29.85
CA PRO A 54 -13.93 17.68 30.04
C PRO A 54 -13.86 16.44 30.92
N TRP A 55 -12.79 15.67 30.74
CA TRP A 55 -12.57 14.42 31.45
C TRP A 55 -11.15 14.39 32.02
N SER A 56 -11.01 13.70 33.15
CA SER A 56 -9.70 13.45 33.73
C SER A 56 -9.19 12.10 33.25
N GLY A 57 -7.87 11.96 33.25
CA GLY A 57 -7.27 10.74 32.73
C GLY A 57 -7.15 10.76 31.22
N VAL A 58 -6.92 9.57 30.65
CA VAL A 58 -6.69 9.41 29.23
C VAL A 58 -7.82 8.58 28.64
N VAL A 59 -8.43 9.10 27.58
CA VAL A 59 -9.47 8.38 26.85
C VAL A 59 -8.81 7.58 25.74
N ASP A 60 -9.11 6.28 25.68
CA ASP A 60 -8.55 5.39 24.66
C ASP A 60 -9.36 5.57 23.38
N ALA A 61 -8.80 6.32 22.43
CA ALA A 61 -9.40 6.45 21.09
C ALA A 61 -8.73 5.45 20.15
N THR A 62 -9.05 4.17 20.38
CA THR A 62 -8.33 3.08 19.73
C THR A 62 -9.18 2.21 18.82
N THR A 63 -10.48 2.49 18.69
CA THR A 63 -11.32 1.76 17.75
C THR A 63 -12.62 2.52 17.54
N PHE A 64 -13.30 2.18 16.44
CA PHE A 64 -14.55 2.84 16.09
C PHE A 64 -15.61 2.60 17.15
N GLN A 65 -16.38 3.65 17.45
CA GLN A 65 -17.46 3.55 18.41
C GLN A 65 -18.73 3.07 17.72
N SER A 66 -19.82 3.03 18.49
CA SER A 66 -21.07 2.43 18.01
C SER A 66 -21.68 3.22 16.87
N VAL A 67 -22.44 2.51 16.03
CA VAL A 67 -23.21 3.13 14.95
C VAL A 67 -24.49 3.71 15.52
N CYS A 68 -24.84 4.92 15.10
CA CYS A 68 -26.11 5.52 15.52
C CYS A 68 -27.27 4.62 15.10
N TYR A 69 -28.25 4.47 15.99
CA TYR A 69 -29.36 3.55 15.76
C TYR A 69 -30.05 3.84 14.43
N GLN A 70 -30.22 2.81 13.62
CA GLN A 70 -30.68 3.00 12.25
C GLN A 70 -31.25 1.69 11.72
N TYR A 71 -32.00 1.82 10.62
CA TYR A 71 -32.55 0.66 9.92
C TYR A 71 -31.44 -0.16 9.28
N VAL A 72 -31.65 -1.47 9.21
CA VAL A 72 -30.70 -2.40 8.62
C VAL A 72 -31.35 -3.05 7.41
N ASP A 73 -30.69 -2.93 6.25
CA ASP A 73 -31.26 -3.45 5.01
C ASP A 73 -31.32 -4.97 5.03
N THR A 74 -32.46 -5.51 4.58
CA THR A 74 -32.68 -6.95 4.56
C THR A 74 -33.19 -7.46 3.21
N LEU A 75 -33.12 -6.65 2.15
CA LEU A 75 -33.65 -7.08 0.86
C LEU A 75 -32.85 -8.26 0.31
N TYR A 76 -31.53 -8.17 0.35
CA TYR A 76 -30.64 -9.22 -0.14
C TYR A 76 -29.73 -9.67 1.00
N PRO A 77 -30.20 -10.55 1.88
CA PRO A 77 -29.43 -10.91 3.07
C PRO A 77 -28.14 -11.65 2.71
N GLY A 78 -27.02 -11.16 3.24
CA GLY A 78 -25.73 -11.73 2.95
C GLY A 78 -25.08 -11.25 1.68
N PHE A 79 -25.74 -10.40 0.90
CA PHE A 79 -25.21 -9.94 -0.37
C PHE A 79 -24.18 -8.84 -0.14
N GLU A 80 -23.01 -9.00 -0.77
CA GLU A 80 -21.91 -8.06 -0.56
C GLU A 80 -22.29 -6.63 -0.93
N GLY A 81 -23.09 -6.46 -1.99
CA GLY A 81 -23.41 -5.12 -2.45
C GLY A 81 -24.23 -4.31 -1.47
N THR A 82 -25.03 -4.97 -0.63
CA THR A 82 -25.83 -4.26 0.37
C THR A 82 -25.22 -4.30 1.76
N GLU A 83 -24.54 -5.40 2.13
CA GLU A 83 -23.97 -5.52 3.47
C GLU A 83 -22.84 -4.53 3.70
N MET A 84 -22.16 -4.07 2.65
CA MET A 84 -21.08 -3.11 2.81
C MET A 84 -21.58 -1.77 3.36
N TRP A 85 -22.86 -1.47 3.23
CA TRP A 85 -23.42 -0.23 3.74
C TRP A 85 -24.09 -0.38 5.10
N ASN A 86 -24.25 -1.61 5.57
CA ASN A 86 -24.94 -1.89 6.82
C ASN A 86 -24.00 -1.67 8.01
N PRO A 87 -24.56 -1.46 9.20
CA PRO A 87 -23.72 -1.21 10.37
C PRO A 87 -22.75 -2.36 10.64
N ASN A 88 -21.47 -2.01 10.82
CA ASN A 88 -20.44 -2.97 11.20
C ASN A 88 -20.03 -2.81 12.66
N ARG A 89 -20.80 -2.07 13.45
CA ARG A 89 -20.62 -1.96 14.88
C ARG A 89 -21.99 -2.05 15.53
N GLU A 90 -22.00 -2.12 16.85
CA GLU A 90 -23.28 -2.27 17.54
C GLU A 90 -24.08 -0.98 17.41
N LEU A 91 -25.41 -1.13 17.32
CA LEU A 91 -26.30 0.00 17.26
C LEU A 91 -26.49 0.60 18.65
N SER A 92 -26.47 1.92 18.75
CA SER A 92 -26.75 2.58 20.02
C SER A 92 -27.01 4.06 19.77
N GLU A 93 -27.79 4.67 20.67
CA GLU A 93 -27.98 6.11 20.64
C GLU A 93 -26.75 6.85 21.16
N ASP A 94 -25.94 6.20 21.99
CA ASP A 94 -24.64 6.73 22.39
C ASP A 94 -23.70 6.56 21.21
N CYS A 95 -23.69 7.54 20.30
CA CYS A 95 -23.02 7.34 19.03
C CYS A 95 -22.25 8.56 18.54
N LEU A 96 -22.21 9.65 19.30
CA LEU A 96 -21.61 10.91 18.82
C LEU A 96 -20.10 10.89 19.07
N TYR A 97 -19.38 10.22 18.18
CA TYR A 97 -17.93 10.13 18.22
C TYR A 97 -17.36 10.43 16.84
N LEU A 98 -16.14 10.97 16.82
CA LEU A 98 -15.46 11.27 15.56
C LEU A 98 -14.11 10.58 15.54
N ASN A 99 -13.47 10.61 14.36
CA ASN A 99 -12.23 9.91 14.13
C ASN A 99 -11.23 10.86 13.45
N VAL A 100 -9.96 10.69 13.79
CA VAL A 100 -8.89 11.52 13.23
C VAL A 100 -7.76 10.61 12.78
N TRP A 101 -7.46 10.64 11.49
CA TRP A 101 -6.26 10.00 10.96
C TRP A 101 -5.23 11.08 10.64
N THR A 102 -3.99 10.82 11.02
CA THR A 102 -2.91 11.77 10.81
C THR A 102 -1.64 11.00 10.45
N PRO A 103 -0.71 11.62 9.74
CA PRO A 103 0.54 10.93 9.39
C PRO A 103 1.36 10.57 10.63
N TYR A 104 2.14 9.50 10.50
CA TYR A 104 3.06 9.05 11.53
C TYR A 104 4.49 9.18 11.01
N PRO A 105 5.34 10.01 11.63
CA PRO A 105 5.08 10.83 12.81
C PRO A 105 4.24 12.08 12.51
N ARG A 106 3.71 12.69 13.57
CA ARG A 106 2.80 13.82 13.43
C ARG A 106 3.46 14.93 12.62
N PRO A 107 2.71 15.57 11.71
CA PRO A 107 3.30 16.66 10.92
C PRO A 107 3.78 17.76 11.84
N THR A 108 4.93 18.36 11.50
CA THR A 108 5.39 19.47 12.33
C THR A 108 4.90 20.82 11.81
N SER A 109 4.52 20.92 10.52
CA SER A 109 3.87 22.13 10.03
C SER A 109 2.39 21.86 9.80
N PRO A 110 1.55 22.90 9.86
CA PRO A 110 0.10 22.70 9.69
C PRO A 110 -0.22 22.04 8.36
N THR A 111 -1.12 21.06 8.40
CA THR A 111 -1.46 20.23 7.25
C THR A 111 -2.94 20.36 6.92
N PRO A 112 -3.28 20.47 5.63
CA PRO A 112 -4.69 20.60 5.24
C PRO A 112 -5.53 19.42 5.72
N VAL A 113 -6.78 19.71 6.04
CA VAL A 113 -7.69 18.76 6.68
C VAL A 113 -8.83 18.42 5.72
N LEU A 114 -9.14 17.13 5.64
CA LEU A 114 -10.29 16.62 4.91
C LEU A 114 -11.30 16.06 5.90
N VAL A 115 -12.53 16.57 5.87
CA VAL A 115 -13.59 16.14 6.79
C VAL A 115 -14.66 15.41 5.99
N TRP A 116 -14.86 14.13 6.31
CA TRP A 116 -15.80 13.27 5.60
C TRP A 116 -17.15 13.23 6.30
N ILE A 117 -18.22 13.34 5.52
CA ILE A 117 -19.59 13.21 6.01
C ILE A 117 -20.24 12.10 5.22
N TYR A 118 -20.55 10.98 5.87
CA TYR A 118 -21.11 9.85 5.16
C TYR A 118 -22.55 10.13 4.74
N GLY A 119 -23.00 9.39 3.72
CA GLY A 119 -24.37 9.46 3.25
C GLY A 119 -25.19 8.27 3.72
N GLY A 120 -26.36 8.14 3.10
CA GLY A 120 -27.29 7.08 3.48
C GLY A 120 -28.71 7.57 3.68
N GLY A 121 -29.13 8.54 2.86
CA GLY A 121 -30.50 9.02 2.89
C GLY A 121 -30.96 9.62 4.21
N PHE A 122 -30.02 10.09 5.05
CA PHE A 122 -30.29 10.64 6.37
C PHE A 122 -30.92 9.64 7.33
N TYR A 123 -31.02 8.36 6.92
CA TYR A 123 -31.57 7.32 7.79
C TYR A 123 -30.56 6.23 8.14
N SER A 124 -29.35 6.28 7.59
CA SER A 124 -28.38 5.22 7.81
C SER A 124 -26.98 5.79 7.57
N GLY A 125 -25.99 4.93 7.74
CA GLY A 125 -24.60 5.30 7.53
C GLY A 125 -23.81 5.28 8.82
N ALA A 126 -22.49 5.19 8.68
CA ALA A 126 -21.59 5.20 9.82
C ALA A 126 -20.19 5.51 9.32
N SER A 127 -19.42 6.21 10.16
CA SER A 127 -18.04 6.52 9.81
C SER A 127 -17.13 5.31 9.95
N SER A 128 -17.64 4.20 10.47
CA SER A 128 -16.85 3.01 10.72
C SER A 128 -16.80 2.03 9.55
N LEU A 129 -17.59 2.28 8.50
CA LEU A 129 -17.61 1.36 7.36
C LEU A 129 -16.24 1.23 6.72
N ASP A 130 -15.94 0.00 6.27
CA ASP A 130 -14.62 -0.28 5.70
C ASP A 130 -14.32 0.60 4.50
N VAL A 131 -15.35 0.98 3.74
CA VAL A 131 -15.17 1.81 2.57
C VAL A 131 -14.82 3.25 2.92
N TYR A 132 -14.97 3.65 4.18
CA TYR A 132 -14.58 4.98 4.63
C TYR A 132 -13.25 4.98 5.37
N ASP A 133 -12.48 3.90 5.26
CA ASP A 133 -11.19 3.81 5.93
C ASP A 133 -10.26 4.91 5.43
N GLY A 134 -9.86 5.80 6.34
CA GLY A 134 -9.04 6.95 6.02
C GLY A 134 -7.55 6.74 6.04
N ARG A 135 -7.08 5.51 6.29
CA ARG A 135 -5.64 5.30 6.42
C ARG A 135 -4.91 5.43 5.08
N PHE A 136 -5.57 5.06 3.97
CA PHE A 136 -4.90 5.09 2.67
C PHE A 136 -4.74 6.51 2.16
N LEU A 137 -5.79 7.33 2.30
CA LEU A 137 -5.70 8.73 1.90
C LEU A 137 -4.61 9.45 2.68
N VAL A 138 -4.58 9.23 4.00
CA VAL A 138 -3.62 9.91 4.86
C VAL A 138 -2.20 9.53 4.49
N GLN A 139 -1.96 8.24 4.26
CA GLN A 139 -0.61 7.79 3.94
C GLN A 139 -0.17 8.28 2.56
N ALA A 140 -1.05 8.22 1.57
CA ALA A 140 -0.65 8.51 0.20
C ALA A 140 -0.47 10.01 -0.05
N GLU A 141 -1.31 10.84 0.56
CA GLU A 141 -1.31 12.26 0.27
C GLU A 141 -0.94 13.13 1.47
N ARG A 142 -0.68 12.52 2.62
CA ARG A 142 -0.20 13.22 3.82
C ARG A 142 -1.10 14.40 4.16
N THR A 143 -2.38 14.10 4.35
CA THR A 143 -3.37 15.01 4.87
C THR A 143 -3.81 14.54 6.25
N VAL A 144 -4.63 15.35 6.90
CA VAL A 144 -5.35 14.95 8.10
C VAL A 144 -6.80 14.72 7.70
N LEU A 145 -7.31 13.53 7.97
CA LEU A 145 -8.69 13.19 7.64
C LEU A 145 -9.51 13.02 8.92
N VAL A 146 -10.66 13.69 8.96
CA VAL A 146 -11.59 13.62 10.08
C VAL A 146 -12.93 13.08 9.56
N SER A 147 -13.55 12.19 10.32
CA SER A 147 -14.90 11.74 10.03
C SER A 147 -15.66 11.63 11.33
N MET A 148 -16.96 11.94 11.29
CA MET A 148 -17.78 11.93 12.49
C MET A 148 -19.04 11.13 12.25
N ASN A 149 -19.61 10.64 13.34
CA ASN A 149 -20.94 10.06 13.33
C ASN A 149 -21.98 11.13 13.65
N TYR A 150 -23.13 11.03 13.02
CA TYR A 150 -24.24 11.95 13.30
C TYR A 150 -25.53 11.16 13.33
N ARG A 151 -26.49 11.65 14.11
CA ARG A 151 -27.75 10.94 14.28
C ARG A 151 -28.54 10.92 12.98
N VAL A 152 -29.19 9.79 12.72
CA VAL A 152 -29.92 9.57 11.49
C VAL A 152 -31.35 9.16 11.84
N GLY A 153 -32.20 9.14 10.81
CA GLY A 153 -33.59 8.76 10.98
C GLY A 153 -34.32 9.71 11.91
N ALA A 154 -35.29 9.16 12.65
CA ALA A 154 -36.05 10.00 13.56
C ALA A 154 -35.17 10.58 14.66
N PHE A 155 -34.14 9.85 15.09
CA PHE A 155 -33.27 10.34 16.15
C PHE A 155 -32.53 11.60 15.75
N GLY A 156 -32.33 11.83 14.45
CA GLY A 156 -31.57 12.98 14.02
C GLY A 156 -32.39 14.04 13.33
N PHE A 157 -33.58 13.67 12.83
CA PHE A 157 -34.33 14.57 11.96
C PHE A 157 -35.83 14.53 12.16
N LEU A 158 -36.34 13.88 13.20
CA LEU A 158 -37.73 14.04 13.56
C LEU A 158 -37.94 15.48 14.03
N ALA A 159 -38.90 16.17 13.43
CA ALA A 159 -39.10 17.59 13.69
C ALA A 159 -40.55 17.86 14.06
N LEU A 160 -40.74 18.51 15.20
CA LEU A 160 -42.00 19.16 15.51
C LEU A 160 -41.73 20.67 15.52
N PRO A 161 -41.74 21.31 14.35
CA PRO A 161 -41.20 22.67 14.23
C PRO A 161 -41.87 23.64 15.19
N GLY A 162 -41.05 24.53 15.77
CA GLY A 162 -41.48 25.45 16.79
C GLY A 162 -41.27 24.94 18.20
N SER A 163 -41.38 23.63 18.42
CA SER A 163 -41.16 23.07 19.73
C SER A 163 -39.68 23.10 20.09
N ARG A 164 -39.40 23.13 21.38
CA ARG A 164 -38.01 23.06 21.82
C ARG A 164 -37.57 21.64 22.16
N GLU A 165 -38.52 20.71 22.31
CA GLU A 165 -38.18 19.32 22.62
C GLU A 165 -37.82 18.51 21.39
N ALA A 166 -38.25 18.94 20.20
CA ALA A 166 -37.89 18.26 18.95
C ALA A 166 -37.78 19.29 17.84
N PRO A 167 -36.76 20.16 17.91
CA PRO A 167 -36.67 21.27 16.95
C PRO A 167 -36.32 20.83 15.54
N GLY A 168 -35.80 19.62 15.36
CA GLY A 168 -35.38 19.16 14.06
C GLY A 168 -33.96 19.59 13.72
N ASN A 169 -33.42 18.94 12.69
CA ASN A 169 -32.09 19.22 12.17
C ASN A 169 -30.98 18.96 13.18
N VAL A 170 -31.24 18.18 14.24
CA VAL A 170 -30.20 17.95 15.24
C VAL A 170 -29.07 17.11 14.66
N GLY A 171 -29.37 16.26 13.68
CA GLY A 171 -28.30 15.54 12.99
C GLY A 171 -27.32 16.48 12.30
N LEU A 172 -27.82 17.58 11.74
CA LEU A 172 -26.92 18.56 11.14
C LEU A 172 -26.14 19.30 12.23
N LEU A 173 -26.78 19.55 13.37
CA LEU A 173 -26.07 20.16 14.49
C LEU A 173 -24.98 19.24 15.03
N ASP A 174 -25.19 17.92 14.96
CA ASP A 174 -24.11 16.99 15.28
C ASP A 174 -22.92 17.24 14.37
N GLN A 175 -23.16 17.37 13.07
CA GLN A 175 -22.07 17.64 12.14
C GLN A 175 -21.41 18.98 12.43
N ARG A 176 -22.22 20.00 12.70
CA ARG A 176 -21.66 21.33 12.98
C ARG A 176 -20.80 21.30 14.24
N LEU A 177 -21.25 20.60 15.27
CA LEU A 177 -20.47 20.49 16.50
C LEU A 177 -19.14 19.80 16.22
N ALA A 178 -19.15 18.77 15.37
CA ALA A 178 -17.90 18.11 15.01
C ALA A 178 -16.97 19.06 14.26
N LEU A 179 -17.54 19.91 13.39
CA LEU A 179 -16.73 20.89 12.67
C LEU A 179 -16.15 21.94 13.62
N GLN A 180 -16.93 22.32 14.64
CA GLN A 180 -16.39 23.21 15.67
C GLN A 180 -15.27 22.53 16.46
N TRP A 181 -15.44 21.24 16.74
CA TRP A 181 -14.37 20.48 17.38
C TRP A 181 -13.10 20.49 16.54
N VAL A 182 -13.25 20.37 15.22
CA VAL A 182 -12.09 20.41 14.33
C VAL A 182 -11.37 21.74 14.44
N GLN A 183 -12.13 22.85 14.46
CA GLN A 183 -11.52 24.17 14.54
C GLN A 183 -10.72 24.36 15.82
N GLU A 184 -11.19 23.77 16.93
CA GLU A 184 -10.53 23.98 18.21
C GLU A 184 -9.41 22.98 18.49
N ASN A 185 -9.42 21.81 17.83
CA ASN A 185 -8.57 20.71 18.25
C ASN A 185 -7.69 20.11 17.17
N VAL A 186 -7.98 20.35 15.88
CA VAL A 186 -7.23 19.64 14.84
C VAL A 186 -5.77 20.06 14.81
N ALA A 187 -5.44 21.24 15.33
CA ALA A 187 -4.04 21.68 15.34
C ALA A 187 -3.20 20.83 16.28
N ALA A 188 -3.82 20.24 17.31
CA ALA A 188 -3.10 19.34 18.20
C ALA A 188 -2.67 18.06 17.49
N PHE A 189 -3.33 17.69 16.40
CA PHE A 189 -2.95 16.55 15.58
C PHE A 189 -2.07 16.96 14.40
N GLY A 190 -1.70 18.23 14.29
CA GLY A 190 -0.96 18.72 13.15
C GLY A 190 -1.81 19.23 12.01
N GLY A 191 -3.12 19.35 12.20
CA GLY A 191 -3.98 19.83 11.14
C GLY A 191 -4.04 21.34 11.08
N ASP A 192 -4.35 21.84 9.89
CA ASP A 192 -4.46 23.28 9.68
C ASP A 192 -5.92 23.69 9.72
N PRO A 193 -6.39 24.36 10.79
CA PRO A 193 -7.78 24.81 10.83
C PRO A 193 -8.11 25.91 9.84
N THR A 194 -7.11 26.54 9.22
CA THR A 194 -7.33 27.54 8.19
C THR A 194 -7.43 26.94 6.80
N SER A 195 -7.43 25.61 6.67
CA SER A 195 -7.57 24.94 5.38
C SER A 195 -8.33 23.62 5.64
N VAL A 196 -9.65 23.74 5.71
CA VAL A 196 -10.54 22.62 6.00
C VAL A 196 -11.45 22.41 4.81
N THR A 197 -11.43 21.20 4.26
CA THR A 197 -12.22 20.83 3.10
C THR A 197 -13.27 19.80 3.50
N LEU A 198 -14.55 20.16 3.37
CA LEU A 198 -15.63 19.21 3.59
C LEU A 198 -15.87 18.39 2.34
N PHE A 199 -16.08 17.09 2.52
CA PHE A 199 -16.50 16.25 1.39
C PHE A 199 -17.38 15.13 1.90
N GLY A 200 -18.40 14.80 1.09
CA GLY A 200 -19.39 13.81 1.45
C GLY A 200 -20.07 13.30 0.21
N GLU A 201 -20.84 12.23 0.38
CA GLU A 201 -21.53 11.57 -0.72
C GLU A 201 -23.00 11.38 -0.37
N SER A 202 -23.86 11.57 -1.38
CA SER A 202 -25.32 11.41 -1.25
C SER A 202 -25.81 12.33 -0.14
N ALA A 203 -26.49 11.83 0.90
CA ALA A 203 -26.93 12.69 1.98
C ALA A 203 -25.77 13.44 2.64
N GLY A 204 -24.57 12.85 2.61
CA GLY A 204 -23.41 13.58 3.07
C GLY A 204 -23.10 14.77 2.18
N ALA A 205 -23.23 14.58 0.87
CA ALA A 205 -23.05 15.70 -0.06
C ALA A 205 -24.13 16.77 0.15
N ALA A 206 -25.37 16.32 0.33
CA ALA A 206 -26.44 17.27 0.66
C ALA A 206 -26.13 17.99 1.98
N SER A 207 -25.59 17.26 2.96
CA SER A 207 -25.21 17.90 4.22
C SER A 207 -24.13 18.95 3.99
N VAL A 208 -23.10 18.61 3.20
CA VAL A 208 -22.06 19.58 2.88
C VAL A 208 -22.65 20.84 2.30
N GLY A 209 -23.62 20.69 1.38
CA GLY A 209 -24.23 21.86 0.76
C GLY A 209 -25.00 22.72 1.75
N MET A 210 -25.71 22.10 2.69
CA MET A 210 -26.46 22.87 3.68
C MET A 210 -25.54 23.64 4.61
N HIS A 211 -24.35 23.10 4.90
CA HIS A 211 -23.37 23.86 5.68
C HIS A 211 -22.86 25.06 4.90
N LEU A 212 -22.75 24.93 3.57
CA LEU A 212 -22.39 26.09 2.74
C LEU A 212 -23.44 27.19 2.84
N LEU A 213 -24.69 26.82 2.96
CA LEU A 213 -25.81 27.76 2.96
C LEU A 213 -26.20 28.23 4.36
N SER A 214 -25.58 27.69 5.40
CA SER A 214 -25.88 28.07 6.77
C SER A 214 -24.73 28.88 7.33
N PRO A 215 -24.91 30.16 7.63
CA PRO A 215 -23.79 31.03 8.01
C PRO A 215 -23.02 30.52 9.23
N PRO A 216 -23.68 30.01 10.28
CA PRO A 216 -22.90 29.51 11.43
C PRO A 216 -21.99 28.34 11.07
N SER A 217 -22.29 27.61 10.00
CA SER A 217 -21.42 26.52 9.56
C SER A 217 -20.39 26.97 8.54
N ARG A 218 -20.72 27.99 7.74
CA ARG A 218 -19.86 28.40 6.64
C ARG A 218 -18.48 28.85 7.12
N GLY A 219 -18.40 29.43 8.31
CA GLY A 219 -17.12 29.85 8.83
C GLY A 219 -16.22 28.77 9.34
N LEU A 220 -16.68 27.50 9.33
CA LEU A 220 -15.92 26.39 9.88
C LEU A 220 -15.12 25.63 8.82
N PHE A 221 -15.24 25.99 7.56
CA PHE A 221 -14.50 25.32 6.50
C PHE A 221 -14.27 26.30 5.37
N HIS A 222 -13.49 25.86 4.37
CA HIS A 222 -13.07 26.75 3.30
C HIS A 222 -13.40 26.22 1.93
N ARG A 223 -13.50 24.89 1.79
CA ARG A 223 -13.77 24.26 0.51
C ARG A 223 -14.75 23.12 0.71
N ALA A 224 -15.39 22.72 -0.39
CA ALA A 224 -16.45 21.72 -0.34
C ALA A 224 -16.32 20.78 -1.53
N VAL A 225 -16.71 19.52 -1.30
CA VAL A 225 -16.78 18.50 -2.34
C VAL A 225 -18.10 17.77 -2.17
N LEU A 226 -18.94 17.80 -3.21
CA LEU A 226 -20.26 17.19 -3.17
C LEU A 226 -20.30 16.06 -4.19
N GLN A 227 -20.36 14.82 -3.72
CA GLN A 227 -20.34 13.64 -4.58
C GLN A 227 -21.74 13.03 -4.61
N SER A 228 -22.38 13.07 -5.78
CA SER A 228 -23.66 12.39 -6.00
C SER A 228 -24.74 12.87 -5.03
N GLY A 229 -24.76 14.17 -4.77
CA GLY A 229 -25.75 14.71 -3.85
C GLY A 229 -25.73 16.21 -3.79
N ALA A 230 -26.86 16.81 -3.44
CA ALA A 230 -27.01 18.26 -3.41
C ALA A 230 -28.09 18.62 -2.41
N PRO A 231 -27.97 19.77 -1.74
CA PRO A 231 -28.99 20.16 -0.77
C PRO A 231 -30.33 20.53 -1.39
N ASN A 232 -30.34 20.90 -2.68
CA ASN A 232 -31.56 21.29 -3.38
C ASN A 232 -32.31 20.11 -3.98
N GLY A 233 -31.95 18.88 -3.60
CA GLY A 233 -32.64 17.71 -4.08
C GLY A 233 -34.03 17.57 -3.50
N PRO A 234 -34.96 17.03 -4.29
CA PRO A 234 -36.34 16.85 -3.80
C PRO A 234 -36.47 15.90 -2.62
N TRP A 235 -35.40 15.18 -2.28
CA TRP A 235 -35.38 14.25 -1.15
C TRP A 235 -34.64 14.81 0.06
N ALA A 236 -33.82 15.84 -0.13
CA ALA A 236 -32.89 16.27 0.90
C ALA A 236 -33.55 17.11 1.99
N THR A 237 -34.65 17.80 1.68
CA THR A 237 -35.34 18.62 2.66
C THR A 237 -36.83 18.34 2.62
N VAL A 238 -37.53 18.87 3.62
CA VAL A 238 -38.97 18.72 3.73
C VAL A 238 -39.53 20.00 4.33
N GLY A 239 -40.79 20.29 4.04
CA GLY A 239 -41.44 21.45 4.62
C GLY A 239 -41.82 21.23 6.06
N MET A 240 -42.04 22.35 6.77
CA MET A 240 -42.38 22.29 8.18
C MET A 240 -43.68 21.52 8.41
N GLY A 241 -44.66 21.69 7.52
CA GLY A 241 -45.93 21.03 7.70
C GLY A 241 -45.85 19.53 7.46
N GLU A 242 -45.12 19.12 6.43
CA GLU A 242 -44.96 17.69 6.18
C GLU A 242 -44.07 17.04 7.23
N ALA A 243 -43.07 17.77 7.73
CA ALA A 243 -42.26 17.26 8.82
C ALA A 243 -43.11 16.97 10.07
N ARG A 244 -44.02 17.90 10.40
CA ARG A 244 -44.89 17.70 11.56
C ARG A 244 -45.85 16.54 11.33
N ARG A 245 -46.35 16.39 10.11
CA ARG A 245 -47.27 15.30 9.81
C ARG A 245 -46.59 13.94 9.99
N ARG A 246 -45.37 13.80 9.50
CA ARG A 246 -44.65 12.53 9.62
C ARG A 246 -44.27 12.24 11.07
N ALA A 247 -43.85 13.26 11.82
CA ALA A 247 -43.54 13.05 13.22
C ALA A 247 -44.79 12.67 14.02
N THR A 248 -45.92 13.33 13.72
CA THR A 248 -47.16 13.02 14.43
C THR A 248 -47.65 11.62 14.09
N GLN A 249 -47.57 11.22 12.83
CA GLN A 249 -48.01 9.88 12.45
C GLN A 249 -47.10 8.81 13.03
N LEU A 250 -45.80 9.10 13.10
CA LEU A 250 -44.88 8.13 13.72
C LEU A 250 -45.21 7.94 15.19
N ALA A 251 -45.47 9.03 15.91
CA ALA A 251 -45.87 8.93 17.31
C ALA A 251 -47.20 8.20 17.44
N HIS A 252 -48.13 8.46 16.52
CA HIS A 252 -49.42 7.77 16.56
C HIS A 252 -49.25 6.27 16.35
N LEU A 253 -48.30 5.87 15.51
CA LEU A 253 -48.09 4.46 15.21
C LEU A 253 -47.44 3.71 16.35
N VAL A 254 -46.87 4.41 17.33
CA VAL A 254 -46.24 3.77 18.48
C VAL A 254 -46.96 4.10 19.78
N GLY A 255 -48.15 4.70 19.71
CA GLY A 255 -48.96 4.93 20.88
C GLY A 255 -48.77 6.25 21.59
N CYS A 256 -48.38 7.31 20.86
CA CYS A 256 -48.16 8.62 21.45
C CYS A 256 -48.99 9.65 20.68
N PRO A 257 -49.86 10.42 21.36
CA PRO A 257 -50.09 10.30 22.80
C PRO A 257 -51.12 9.21 23.10
N PRO A 258 -51.11 8.67 24.34
CA PRO A 258 -52.07 7.64 24.72
C PRO A 258 -53.51 8.15 24.74
N GLY A 262 -52.07 14.12 17.98
CA GLY A 262 -50.97 15.04 18.24
C GLY A 262 -51.15 15.82 19.53
N GLY A 263 -51.74 17.01 19.43
CA GLY A 263 -52.00 17.83 20.59
C GLY A 263 -50.80 18.59 21.08
N ASN A 264 -50.35 18.29 22.30
CA ASN A 264 -49.26 19.02 22.92
C ASN A 264 -47.91 18.41 22.54
N ASP A 265 -46.97 19.27 22.15
CA ASP A 265 -45.67 18.80 21.70
C ASP A 265 -44.85 18.22 22.85
N THR A 266 -44.85 18.90 24.00
CA THR A 266 -44.03 18.47 25.14
C THR A 266 -44.41 17.07 25.59
N GLU A 267 -45.72 16.80 25.79
CA GLU A 267 -46.15 15.46 26.18
C GLU A 267 -45.89 14.44 25.08
N LEU A 268 -46.03 14.85 23.82
CA LEU A 268 -45.86 13.92 22.70
C LEU A 268 -44.41 13.49 22.56
N VAL A 269 -43.47 14.43 22.66
CA VAL A 269 -42.05 14.08 22.62
C VAL A 269 -41.67 13.23 23.82
N ALA A 270 -42.16 13.60 25.00
CA ALA A 270 -41.85 12.84 26.21
C ALA A 270 -42.33 11.40 26.10
N CYS A 271 -43.48 11.19 25.46
CA CYS A 271 -43.96 9.83 25.25
C CYS A 271 -43.06 9.10 24.26
N LEU A 272 -42.58 9.79 23.22
CA LEU A 272 -41.70 9.17 22.24
C LEU A 272 -40.36 8.78 22.85
N ARG A 273 -39.88 9.54 23.84
CA ARG A 273 -38.62 9.22 24.50
C ARG A 273 -38.68 7.94 25.32
N THR A 274 -39.87 7.52 25.75
CA THR A 274 -40.03 6.28 26.50
C THR A 274 -40.05 5.05 25.59
N ARG A 275 -40.09 5.25 24.27
CA ARG A 275 -40.15 4.13 23.36
C ARG A 275 -38.75 3.61 23.04
N PRO A 276 -38.57 2.29 22.97
CA PRO A 276 -37.27 1.75 22.58
C PRO A 276 -36.88 2.19 21.19
N ALA A 277 -35.57 2.36 20.99
CA ALA A 277 -35.06 2.86 19.71
C ALA A 277 -35.51 2.00 18.55
N GLN A 278 -35.49 0.67 18.72
CA GLN A 278 -35.87 -0.22 17.64
C GLN A 278 -37.34 -0.04 17.25
N VAL A 279 -38.20 0.29 18.21
CA VAL A 279 -39.62 0.49 17.92
C VAL A 279 -39.81 1.66 16.96
N LEU A 280 -39.07 2.76 17.17
CA LEU A 280 -39.15 3.88 16.26
C LEU A 280 -38.63 3.51 14.88
N VAL A 281 -37.53 2.76 14.82
CA VAL A 281 -36.96 2.32 13.55
C VAL A 281 -37.97 1.50 12.77
N ASN A 282 -38.72 0.63 13.45
CA ASN A 282 -39.60 -0.30 12.76
C ASN A 282 -40.78 0.38 12.08
N HIS A 283 -41.13 1.59 12.50
CA HIS A 283 -42.30 2.29 11.97
C HIS A 283 -41.96 3.54 11.17
N GLU A 284 -40.67 3.90 11.07
CA GLU A 284 -40.31 5.18 10.48
C GLU A 284 -40.68 5.26 9.01
N TRP A 285 -40.75 4.12 8.32
CA TRP A 285 -41.04 4.13 6.89
C TRP A 285 -42.53 4.12 6.58
N HIS A 286 -43.39 3.92 7.58
CA HIS A 286 -44.83 3.93 7.36
C HIS A 286 -45.41 5.34 7.29
N VAL A 287 -44.59 6.37 7.53
CA VAL A 287 -45.09 7.75 7.49
C VAL A 287 -44.94 8.39 6.12
N LEU A 288 -44.36 7.68 5.15
CA LEU A 288 -44.21 8.25 3.82
C LEU A 288 -45.57 8.35 3.12
N PRO A 289 -45.84 9.46 2.42
CA PRO A 289 -47.18 9.66 1.85
C PRO A 289 -47.57 8.63 0.78
N GLN A 290 -46.62 8.07 0.04
CA GLN A 290 -46.91 7.10 -1.00
C GLN A 290 -45.70 6.18 -1.15
N GLU A 291 -45.92 5.06 -1.85
CA GLU A 291 -44.82 4.15 -2.15
C GLU A 291 -43.91 4.79 -3.19
N SER A 292 -42.60 4.72 -2.94
CA SER A 292 -41.68 5.55 -3.71
C SER A 292 -40.29 4.93 -3.62
N VAL A 293 -39.37 5.49 -4.37
CA VAL A 293 -37.94 5.21 -4.22
C VAL A 293 -37.23 6.55 -4.10
N PHE A 294 -36.06 6.53 -3.46
CA PHE A 294 -35.28 7.75 -3.21
C PHE A 294 -36.09 8.79 -2.43
N ARG A 295 -36.91 8.33 -1.49
CA ARG A 295 -37.64 9.19 -0.57
C ARG A 295 -37.44 8.68 0.84
N PHE A 296 -37.15 9.59 1.77
CA PHE A 296 -36.79 9.23 3.13
C PHE A 296 -37.64 9.99 4.14
N SER A 297 -38.01 9.30 5.21
CA SER A 297 -39.05 9.80 6.11
C SER A 297 -38.59 11.06 6.86
N PHE A 298 -37.41 11.03 7.45
CA PHE A 298 -36.95 12.10 8.31
C PHE A 298 -35.65 12.67 7.73
N VAL A 299 -35.73 13.91 7.27
CA VAL A 299 -34.65 14.57 6.55
C VAL A 299 -34.58 16.00 7.10
N PRO A 300 -33.55 16.78 6.76
CA PRO A 300 -33.52 18.18 7.21
C PRO A 300 -34.81 18.93 6.87
N VAL A 301 -35.20 19.85 7.74
CA VAL A 301 -36.44 20.60 7.61
C VAL A 301 -36.10 22.07 7.39
N VAL A 302 -36.82 22.71 6.47
CA VAL A 302 -36.66 24.13 6.21
C VAL A 302 -37.57 24.87 7.19
N ASP A 303 -36.98 25.41 8.25
CA ASP A 303 -37.75 26.06 9.31
C ASP A 303 -37.26 27.46 9.66
N GLY A 304 -36.39 28.05 8.84
CA GLY A 304 -35.91 29.40 9.07
C GLY A 304 -34.72 29.51 10.00
N ASP A 305 -34.31 28.43 10.64
CA ASP A 305 -33.18 28.48 11.56
C ASP A 305 -31.89 28.02 10.90
N PHE A 306 -31.64 26.71 10.87
CA PHE A 306 -30.48 26.19 10.17
C PHE A 306 -30.49 26.61 8.71
N LEU A 307 -31.65 26.48 8.06
CA LEU A 307 -31.87 26.96 6.70
C LEU A 307 -32.85 28.14 6.77
N SER A 308 -32.32 29.34 6.56
CA SER A 308 -33.16 30.54 6.57
C SER A 308 -34.30 30.43 5.56
N ASP A 309 -34.05 29.75 4.44
CA ASP A 309 -35.03 29.53 3.40
C ASP A 309 -34.73 28.19 2.75
N THR A 310 -35.47 27.85 1.71
CA THR A 310 -35.20 26.63 0.96
C THR A 310 -33.79 26.68 0.38
N PRO A 311 -33.14 25.52 0.23
CA PRO A 311 -31.79 25.52 -0.36
C PRO A 311 -31.74 26.15 -1.74
N GLU A 312 -32.79 25.98 -2.55
CA GLU A 312 -32.80 26.57 -3.88
C GLU A 312 -32.79 28.09 -3.81
N ALA A 313 -33.59 28.67 -2.91
CA ALA A 313 -33.60 30.13 -2.77
C ALA A 313 -32.26 30.65 -2.25
N LEU A 314 -31.65 29.93 -1.30
CA LEU A 314 -30.36 30.36 -0.78
C LEU A 314 -29.26 30.22 -1.83
N ILE A 315 -29.35 29.19 -2.68
CA ILE A 315 -28.37 29.02 -3.74
C ILE A 315 -28.47 30.18 -4.74
N ASN A 316 -29.69 30.57 -5.10
CA ASN A 316 -29.88 31.62 -6.09
C ASN A 316 -29.50 32.99 -5.55
N ALA A 317 -29.68 33.22 -4.26
CA ALA A 317 -29.42 34.51 -3.64
C ALA A 317 -28.04 34.59 -2.99
N GLY A 318 -27.21 33.57 -3.16
CA GLY A 318 -25.94 33.51 -2.46
C GLY A 318 -24.79 34.13 -3.25
N ASP A 319 -23.86 34.71 -2.50
CA ASP A 319 -22.61 35.23 -3.05
C ASP A 319 -21.50 34.26 -2.65
N PHE A 320 -20.91 33.60 -3.64
CA PHE A 320 -19.96 32.53 -3.40
C PHE A 320 -18.54 32.89 -3.87
N HIS A 321 -18.19 34.17 -3.80
CA HIS A 321 -16.83 34.58 -4.11
C HIS A 321 -15.88 34.13 -3.01
N GLY A 322 -14.73 33.59 -3.42
CA GLY A 322 -13.77 33.03 -2.49
C GLY A 322 -13.98 31.57 -2.15
N LEU A 323 -14.87 30.89 -2.86
CA LEU A 323 -15.21 29.50 -2.57
C LEU A 323 -14.86 28.63 -3.75
N GLN A 324 -14.22 27.48 -3.48
CA GLN A 324 -13.93 26.47 -4.47
C GLN A 324 -14.72 25.21 -4.14
N VAL A 325 -15.32 24.61 -5.16
CA VAL A 325 -16.22 23.47 -4.96
C VAL A 325 -15.94 22.43 -6.04
N LEU A 326 -15.94 21.16 -5.64
CA LEU A 326 -15.78 20.03 -6.54
C LEU A 326 -17.03 19.18 -6.46
N VAL A 327 -17.70 18.99 -7.60
CA VAL A 327 -18.97 18.26 -7.66
C VAL A 327 -18.87 17.17 -8.72
N GLY A 328 -19.74 16.18 -8.61
CA GLY A 328 -19.74 15.10 -9.59
C GLY A 328 -20.80 14.07 -9.26
N VAL A 329 -20.93 13.12 -10.19
CA VAL A 329 -21.93 12.06 -10.12
C VAL A 329 -21.30 10.79 -10.70
N VAL A 330 -21.97 9.65 -10.47
CA VAL A 330 -21.57 8.41 -11.12
C VAL A 330 -22.37 8.28 -12.42
N LYS A 331 -22.01 7.29 -13.24
CA LYS A 331 -22.62 7.17 -14.57
C LYS A 331 -24.08 6.73 -14.48
N ASP A 332 -24.45 5.93 -13.48
CA ASP A 332 -25.80 5.38 -13.36
C ASP A 332 -26.32 5.64 -11.94
N GLU A 333 -26.78 6.87 -11.72
CA GLU A 333 -27.20 7.27 -10.37
C GLU A 333 -28.48 6.57 -9.93
N GLY A 334 -29.34 6.16 -10.87
CA GLY A 334 -30.66 5.70 -10.50
C GLY A 334 -30.85 4.20 -10.38
N SER A 335 -29.90 3.42 -10.92
CA SER A 335 -30.11 1.98 -11.05
C SER A 335 -30.27 1.29 -9.70
N TYR A 336 -29.44 1.66 -8.72
CA TYR A 336 -29.51 1.04 -7.39
C TYR A 336 -30.92 1.12 -6.81
N PHE A 337 -31.58 2.27 -6.94
CA PHE A 337 -32.83 2.51 -6.24
C PHE A 337 -34.02 1.79 -6.87
N LEU A 338 -33.90 1.34 -8.12
CA LEU A 338 -35.04 0.74 -8.80
C LEU A 338 -35.41 -0.63 -8.23
N VAL A 339 -34.46 -1.35 -7.63
CA VAL A 339 -34.75 -2.69 -7.15
C VAL A 339 -35.36 -2.62 -5.76
N TYR A 340 -35.67 -1.42 -5.29
CA TYR A 340 -36.29 -1.22 -4.00
C TYR A 340 -37.74 -0.73 -4.10
N GLY A 341 -38.41 -1.02 -5.21
CA GLY A 341 -39.81 -0.65 -5.32
C GLY A 341 -40.37 -0.49 -6.72
N ALA A 342 -39.50 -0.30 -7.70
CA ALA A 342 -39.96 -0.14 -9.07
C ALA A 342 -40.45 -1.49 -9.60
N PRO A 343 -41.67 -1.58 -10.13
CA PRO A 343 -42.20 -2.87 -10.56
C PRO A 343 -41.39 -3.46 -11.71
N GLY A 344 -41.07 -4.75 -11.59
CA GLY A 344 -40.33 -5.47 -12.61
C GLY A 344 -38.82 -5.46 -12.45
N PHE A 345 -38.30 -4.86 -11.38
CA PHE A 345 -36.87 -4.70 -11.20
C PHE A 345 -36.35 -5.65 -10.12
N SER A 346 -35.18 -6.23 -10.39
CA SER A 346 -34.48 -7.05 -9.41
C SER A 346 -33.02 -7.15 -9.82
N LYS A 347 -32.16 -7.34 -8.84
CA LYS A 347 -30.74 -7.52 -9.14
C LYS A 347 -30.46 -8.90 -9.73
N ASP A 348 -31.38 -9.84 -9.60
CA ASP A 348 -31.14 -11.23 -9.99
C ASP A 348 -31.69 -11.58 -11.38
N ASN A 349 -32.29 -10.63 -12.08
CA ASN A 349 -32.57 -10.78 -13.50
C ASN A 349 -32.23 -9.46 -14.18
N GLU A 350 -32.40 -9.42 -15.50
CA GLU A 350 -31.95 -8.23 -16.23
C GLU A 350 -32.98 -7.09 -16.19
N SER A 351 -34.13 -7.30 -15.55
CA SER A 351 -35.09 -6.23 -15.29
C SER A 351 -35.57 -5.56 -16.58
N LEU A 352 -35.86 -6.37 -17.59
CA LEU A 352 -36.36 -5.89 -18.88
C LEU A 352 -37.86 -5.66 -18.75
N ILE A 353 -38.25 -4.44 -18.40
CA ILE A 353 -39.61 -4.14 -18.01
C ILE A 353 -40.47 -3.84 -19.23
N SER A 354 -41.78 -3.93 -19.04
CA SER A 354 -42.75 -3.61 -20.08
C SER A 354 -43.08 -2.12 -20.06
N ARG A 355 -43.86 -1.68 -21.05
CA ARG A 355 -44.31 -0.30 -21.10
C ARG A 355 -45.16 0.04 -19.89
N ALA A 356 -46.07 -0.87 -19.51
CA ALA A 356 -46.94 -0.62 -18.37
C ALA A 356 -46.14 -0.52 -17.07
N GLU A 357 -45.09 -1.35 -16.92
CA GLU A 357 -44.26 -1.26 -15.74
C GLU A 357 -43.44 0.02 -15.72
N PHE A 358 -43.06 0.51 -16.91
CA PHE A 358 -42.36 1.79 -16.99
C PHE A 358 -43.26 2.93 -16.54
N LEU A 359 -44.49 2.97 -17.05
CA LEU A 359 -45.42 4.03 -16.67
C LEU A 359 -45.74 3.97 -15.18
N ALA A 360 -45.87 2.76 -14.63
CA ALA A 360 -46.08 2.63 -13.20
C ALA A 360 -44.84 3.04 -12.41
N GLY A 361 -43.66 2.70 -12.93
CA GLY A 361 -42.43 3.08 -12.25
C GLY A 361 -42.20 4.58 -12.22
N VAL A 362 -42.72 5.31 -13.21
CA VAL A 362 -42.57 6.77 -13.24
C VAL A 362 -43.23 7.39 -12.01
N ARG A 363 -44.41 6.90 -11.62
CA ARG A 363 -45.08 7.44 -10.45
C ARG A 363 -44.36 7.07 -9.16
N VAL A 364 -43.64 5.95 -9.16
CA VAL A 364 -42.84 5.59 -8.00
C VAL A 364 -41.55 6.40 -7.98
N GLY A 365 -40.93 6.61 -9.14
CA GLY A 365 -39.69 7.36 -9.20
C GLY A 365 -39.87 8.85 -9.08
N VAL A 366 -41.05 9.35 -9.45
CA VAL A 366 -41.36 10.77 -9.27
C VAL A 366 -42.62 10.86 -8.43
N PRO A 367 -42.55 10.62 -7.13
CA PRO A 367 -43.76 10.57 -6.31
C PRO A 367 -44.31 11.96 -6.02
N GLN A 368 -45.62 11.97 -5.75
CA GLN A 368 -46.33 13.17 -5.26
C GLN A 368 -46.30 14.31 -6.27
N VAL A 369 -46.54 13.99 -7.55
CA VAL A 369 -46.71 15.00 -8.58
C VAL A 369 -48.03 14.74 -9.29
N SER A 370 -48.56 15.80 -9.90
CA SER A 370 -49.80 15.68 -10.64
C SER A 370 -49.63 14.74 -11.83
N ASP A 371 -50.76 14.23 -12.33
CA ASP A 371 -50.70 13.37 -13.50
C ASP A 371 -50.18 14.10 -14.72
N LEU A 372 -50.41 15.42 -14.80
CA LEU A 372 -49.83 16.20 -15.89
C LEU A 372 -48.31 16.22 -15.80
N ALA A 373 -47.77 16.37 -14.60
CA ALA A 373 -46.31 16.34 -14.43
C ALA A 373 -45.75 14.99 -14.83
N ALA A 374 -46.42 13.90 -14.44
CA ALA A 374 -45.98 12.58 -14.85
C ALA A 374 -46.03 12.42 -16.36
N GLU A 375 -47.04 13.00 -17.01
CA GLU A 375 -47.12 12.93 -18.47
C GLU A 375 -45.95 13.66 -19.12
N ALA A 376 -45.52 14.77 -18.54
CA ALA A 376 -44.34 15.47 -19.05
C ALA A 376 -43.09 14.62 -18.92
N VAL A 377 -42.98 13.88 -17.81
CA VAL A 377 -41.84 12.98 -17.62
C VAL A 377 -41.86 11.87 -18.67
N VAL A 378 -43.03 11.26 -18.87
CA VAL A 378 -43.15 10.19 -19.85
C VAL A 378 -42.80 10.69 -21.24
N LEU A 379 -43.27 11.88 -21.60
CA LEU A 379 -42.99 12.44 -22.91
C LEU A 379 -41.48 12.61 -23.13
N HIS A 380 -40.77 13.08 -22.12
CA HIS A 380 -39.36 13.40 -22.30
C HIS A 380 -38.47 12.17 -22.33
N TYR A 381 -38.83 11.13 -21.59
CA TYR A 381 -37.98 9.94 -21.47
C TYR A 381 -38.43 8.78 -22.33
N THR A 382 -39.49 8.96 -23.12
CA THR A 382 -39.91 7.96 -24.08
C THR A 382 -39.23 8.23 -25.42
N ASP A 383 -38.66 7.18 -26.01
CA ASP A 383 -38.23 7.22 -27.41
C ASP A 383 -39.44 6.82 -28.25
N TRP A 384 -40.05 7.78 -28.92
CA TRP A 384 -41.29 7.53 -29.63
C TRP A 384 -41.10 6.77 -30.94
N LEU A 385 -39.86 6.45 -31.31
CA LEU A 385 -39.60 5.48 -32.37
C LEU A 385 -39.49 4.06 -31.84
N HIS A 386 -39.22 3.89 -30.55
CA HIS A 386 -39.17 2.59 -29.90
C HIS A 386 -39.85 2.71 -28.54
N PRO A 387 -41.17 2.96 -28.53
CA PRO A 387 -41.83 3.32 -27.27
C PRO A 387 -41.96 2.18 -26.26
N GLU A 388 -41.80 0.92 -26.70
CA GLU A 388 -42.00 -0.22 -25.80
C GLU A 388 -40.82 -1.21 -25.82
N ASP A 389 -39.66 -0.75 -26.26
CA ASP A 389 -38.46 -1.59 -26.23
C ASP A 389 -38.04 -1.83 -24.78
N PRO A 390 -38.07 -3.08 -24.29
CA PRO A 390 -37.83 -3.30 -22.85
C PRO A 390 -36.49 -2.76 -22.36
N ALA A 391 -35.41 -2.96 -23.12
CA ALA A 391 -34.10 -2.44 -22.72
C ALA A 391 -34.13 -0.93 -22.55
N ARG A 392 -34.54 -0.21 -23.61
CA ARG A 392 -34.59 1.25 -23.55
C ARG A 392 -35.46 1.74 -22.40
N LEU A 393 -36.55 1.04 -22.10
CA LEU A 393 -37.41 1.42 -20.99
C LEU A 393 -36.68 1.28 -19.66
N ARG A 394 -35.89 0.22 -19.51
CA ARG A 394 -35.16 0.01 -18.25
C ARG A 394 -34.14 1.12 -18.02
N GLU A 395 -33.41 1.50 -19.08
CA GLU A 395 -32.42 2.56 -18.97
C GLU A 395 -33.09 3.92 -18.76
N ALA A 396 -34.27 4.10 -19.36
CA ALA A 396 -34.98 5.38 -19.24
C ALA A 396 -35.44 5.62 -17.81
N LEU A 397 -36.04 4.61 -17.17
CA LEU A 397 -36.48 4.78 -15.79
C LEU A 397 -35.29 5.03 -14.87
N SER A 398 -34.17 4.35 -15.13
CA SER A 398 -32.95 4.62 -14.36
C SER A 398 -32.51 6.07 -14.52
N ASP A 399 -32.61 6.61 -15.73
CA ASP A 399 -32.27 8.02 -15.96
C ASP A 399 -33.28 8.94 -15.30
N VAL A 400 -34.56 8.55 -15.28
CA VAL A 400 -35.58 9.37 -14.61
C VAL A 400 -35.22 9.56 -13.14
N VAL A 401 -35.02 8.45 -12.43
CA VAL A 401 -34.71 8.51 -11.01
C VAL A 401 -33.36 9.20 -10.78
N GLY A 402 -32.39 8.93 -11.66
CA GLY A 402 -31.05 9.50 -11.46
C GLY A 402 -31.02 10.99 -11.73
N ASP A 403 -31.58 11.42 -12.87
CA ASP A 403 -31.58 12.85 -13.20
C ASP A 403 -32.39 13.66 -12.19
N HIS A 404 -33.58 13.16 -11.86
CA HIS A 404 -34.48 13.89 -10.97
C HIS A 404 -33.88 14.05 -9.58
N ASN A 405 -33.20 13.02 -9.08
CA ASN A 405 -32.74 13.02 -7.70
C ASN A 405 -31.29 13.46 -7.53
N VAL A 406 -30.42 13.28 -8.52
CA VAL A 406 -28.99 13.56 -8.33
C VAL A 406 -28.45 14.50 -9.40
N VAL A 407 -28.47 14.06 -10.66
CA VAL A 407 -27.66 14.71 -11.70
C VAL A 407 -28.08 16.15 -11.89
N CYS A 408 -29.39 16.40 -11.96
CA CYS A 408 -29.88 17.74 -12.28
C CYS A 408 -29.86 18.67 -11.04
N PRO A 409 -30.17 18.18 -9.83
CA PRO A 409 -29.88 18.98 -8.62
C PRO A 409 -28.43 19.39 -8.51
N VAL A 410 -27.50 18.47 -8.81
CA VAL A 410 -26.09 18.79 -8.79
C VAL A 410 -25.74 19.79 -9.88
N ALA A 411 -26.25 19.57 -11.10
CA ALA A 411 -25.95 20.48 -12.20
C ALA A 411 -26.48 21.88 -11.92
N GLN A 412 -27.70 21.98 -11.38
CA GLN A 412 -28.25 23.28 -11.06
C GLN A 412 -27.41 23.99 -10.00
N LEU A 413 -26.95 23.25 -8.99
CA LEU A 413 -26.10 23.85 -7.96
C LEU A 413 -24.77 24.32 -8.57
N ALA A 414 -24.13 23.45 -9.34
CA ALA A 414 -22.85 23.80 -9.95
C ALA A 414 -22.98 25.01 -10.86
N GLY A 415 -24.08 25.10 -11.62
CA GLY A 415 -24.26 26.23 -12.51
C GLY A 415 -24.48 27.54 -11.77
N ARG A 416 -25.28 27.51 -10.70
CA ARG A 416 -25.52 28.73 -9.95
C ARG A 416 -24.29 29.18 -9.17
N LEU A 417 -23.52 28.23 -8.65
CA LEU A 417 -22.31 28.58 -7.91
C LEU A 417 -21.28 29.24 -8.82
N ALA A 418 -21.08 28.66 -10.01
CA ALA A 418 -20.07 29.19 -10.93
C ALA A 418 -20.46 30.58 -11.42
N ALA A 419 -21.74 30.82 -11.67
CA ALA A 419 -22.20 32.11 -12.15
C ALA A 419 -22.11 33.19 -11.08
N GLN A 420 -22.05 32.80 -9.80
CA GLN A 420 -22.11 33.76 -8.71
C GLN A 420 -20.80 33.83 -7.93
N GLY A 421 -19.68 33.56 -8.59
CA GLY A 421 -18.38 33.85 -8.03
C GLY A 421 -17.59 32.70 -7.47
N ALA A 422 -18.06 31.47 -7.64
CA ALA A 422 -17.36 30.30 -7.13
C ALA A 422 -16.64 29.57 -8.26
N ARG A 423 -15.48 29.01 -7.95
CA ARG A 423 -14.74 28.18 -8.90
C ARG A 423 -15.17 26.72 -8.71
N VAL A 424 -15.67 26.12 -9.78
CA VAL A 424 -16.32 24.81 -9.72
C VAL A 424 -15.60 23.86 -10.66
N TYR A 425 -15.37 22.63 -10.19
CA TYR A 425 -14.86 21.54 -11.00
C TYR A 425 -15.85 20.39 -10.94
N ALA A 426 -16.23 19.87 -12.10
CA ALA A 426 -17.25 18.84 -12.20
C ALA A 426 -16.67 17.57 -12.83
N TYR A 427 -17.24 16.43 -12.45
CA TYR A 427 -16.78 15.14 -12.95
C TYR A 427 -17.96 14.20 -13.12
N VAL A 428 -17.72 13.13 -13.89
CA VAL A 428 -18.63 12.00 -13.99
C VAL A 428 -17.78 10.74 -13.85
N PHE A 429 -18.05 9.96 -12.80
CA PHE A 429 -17.29 8.75 -12.51
C PHE A 429 -17.86 7.60 -13.34
N GLU A 430 -17.04 7.04 -14.23
CA GLU A 430 -17.51 6.09 -15.24
C GLU A 430 -16.87 4.73 -15.16
N HIS A 431 -16.04 4.47 -14.14
CA HIS A 431 -15.39 3.16 -14.02
C HIS A 431 -16.25 2.23 -13.17
N ARG A 432 -16.55 1.07 -13.72
CA ARG A 432 -17.25 0.02 -12.97
C ARG A 432 -16.20 -0.90 -12.36
N ALA A 433 -16.20 -0.98 -11.03
CA ALA A 433 -15.19 -1.77 -10.32
C ALA A 433 -15.24 -3.22 -10.76
N SER A 434 -14.05 -3.82 -10.91
CA SER A 434 -13.97 -5.23 -11.29
C SER A 434 -14.57 -6.15 -10.24
N THR A 435 -14.59 -5.71 -8.98
CA THR A 435 -15.12 -6.51 -7.88
C THR A 435 -16.58 -6.23 -7.60
N LEU A 436 -17.26 -5.46 -8.45
CA LEU A 436 -18.63 -5.05 -8.15
C LEU A 436 -19.58 -6.24 -8.17
N SER A 437 -20.33 -6.40 -7.10
CA SER A 437 -21.24 -7.52 -6.92
C SER A 437 -22.58 -7.31 -7.61
N TRP A 438 -22.94 -6.06 -7.89
CA TRP A 438 -24.24 -5.77 -8.47
C TRP A 438 -24.29 -6.25 -9.92
N PRO A 439 -25.49 -6.55 -10.45
CA PRO A 439 -25.59 -7.02 -11.84
C PRO A 439 -25.04 -5.98 -12.80
N LEU A 440 -24.78 -6.43 -14.03
CA LEU A 440 -24.07 -5.58 -14.98
C LEU A 440 -24.98 -4.53 -15.59
N TRP A 441 -26.31 -4.78 -15.63
CA TRP A 441 -27.21 -3.78 -16.19
C TRP A 441 -27.28 -2.53 -15.34
N MET A 442 -26.85 -2.59 -14.07
CA MET A 442 -26.86 -1.41 -13.22
C MET A 442 -25.71 -0.45 -13.53
N GLY A 443 -24.72 -0.88 -14.31
CA GLY A 443 -23.63 0.01 -14.68
C GLY A 443 -22.80 0.39 -13.47
N VAL A 444 -22.59 1.69 -13.30
CA VAL A 444 -21.84 2.23 -12.15
C VAL A 444 -22.84 2.82 -11.17
N PRO A 445 -23.24 2.07 -10.13
CA PRO A 445 -24.35 2.50 -9.29
C PRO A 445 -23.97 3.60 -8.32
N HIS A 446 -25.00 4.09 -7.63
CA HIS A 446 -24.84 5.15 -6.64
C HIS A 446 -23.89 4.73 -5.53
N GLY A 447 -22.87 5.55 -5.29
CA GLY A 447 -21.97 5.35 -4.17
C GLY A 447 -20.74 4.52 -4.44
N TYR A 448 -20.52 4.06 -5.67
CA TYR A 448 -19.42 3.14 -5.93
C TYR A 448 -18.20 3.83 -6.55
N GLU A 449 -18.12 5.15 -6.43
CA GLU A 449 -16.86 5.86 -6.60
C GLU A 449 -16.12 6.05 -5.28
N ILE A 450 -16.80 5.83 -4.14
CA ILE A 450 -16.22 6.18 -2.84
C ILE A 450 -14.97 5.35 -2.57
N GLU A 451 -15.05 4.04 -2.82
CA GLU A 451 -13.94 3.15 -2.51
C GLU A 451 -12.66 3.54 -3.26
N PHE A 452 -12.80 4.12 -4.46
CA PHE A 452 -11.61 4.59 -5.17
C PHE A 452 -11.10 5.90 -4.60
N ILE A 453 -12.01 6.77 -4.13
CA ILE A 453 -11.59 8.03 -3.54
C ILE A 453 -10.79 7.78 -2.25
N PHE A 454 -11.20 6.80 -1.46
CA PHE A 454 -10.52 6.51 -0.20
C PHE A 454 -9.33 5.57 -0.37
N GLY A 455 -9.01 5.16 -1.60
CA GLY A 455 -7.86 4.31 -1.83
C GLY A 455 -8.00 2.88 -1.38
N ILE A 456 -9.23 2.41 -1.20
CA ILE A 456 -9.52 1.04 -0.76
C ILE A 456 -8.85 -0.01 -1.66
N PRO A 457 -8.72 0.20 -2.98
CA PRO A 457 -8.00 -0.80 -3.79
C PRO A 457 -6.57 -1.10 -3.34
N LEU A 458 -5.94 -0.21 -2.56
CA LEU A 458 -4.60 -0.50 -2.07
C LEU A 458 -4.59 -1.47 -0.90
N ASP A 459 -5.75 -1.82 -0.36
CA ASP A 459 -5.84 -2.85 0.66
C ASP A 459 -5.39 -4.18 0.09
N PRO A 460 -4.31 -4.78 0.60
CA PRO A 460 -3.86 -6.07 0.06
C PRO A 460 -4.86 -7.20 0.26
N SER A 461 -5.75 -7.09 1.24
CA SER A 461 -6.77 -8.11 1.46
C SER A 461 -7.79 -8.18 0.32
N ARG A 462 -7.95 -7.10 -0.42
CA ARG A 462 -8.92 -7.07 -1.51
C ARG A 462 -8.25 -7.44 -2.83
N ASN A 463 -9.07 -7.61 -3.86
CA ASN A 463 -8.59 -8.10 -5.15
C ASN A 463 -8.85 -7.13 -6.29
N TYR A 464 -8.45 -5.87 -6.15
CA TYR A 464 -8.54 -5.00 -7.30
C TYR A 464 -7.38 -5.28 -8.27
N THR A 465 -7.56 -4.88 -9.51
CA THR A 465 -6.48 -5.03 -10.47
C THR A 465 -5.41 -3.97 -10.22
N ALA A 466 -4.23 -4.20 -10.81
CA ALA A 466 -3.14 -3.24 -10.64
C ALA A 466 -3.48 -1.89 -11.26
N GLU A 467 -4.26 -1.88 -12.35
CA GLU A 467 -4.66 -0.64 -12.99
C GLU A 467 -5.69 0.10 -12.14
N GLU A 468 -6.57 -0.63 -11.46
CA GLU A 468 -7.51 0.02 -10.54
C GLU A 468 -6.79 0.67 -9.37
N LYS A 469 -5.63 0.14 -8.96
CA LYS A 469 -4.87 0.76 -7.87
C LYS A 469 -4.22 2.06 -8.33
N ILE A 470 -3.71 2.09 -9.56
CA ILE A 470 -3.18 3.32 -10.12
C ILE A 470 -4.30 4.35 -10.27
N PHE A 471 -5.48 3.89 -10.69
CA PHE A 471 -6.64 4.77 -10.78
C PHE A 471 -6.99 5.35 -9.41
N ALA A 472 -7.00 4.51 -8.37
CA ALA A 472 -7.28 5.01 -7.03
C ALA A 472 -6.25 6.05 -6.59
N GLN A 473 -4.97 5.79 -6.85
CA GLN A 473 -3.94 6.75 -6.48
C GLN A 473 -4.11 8.07 -7.23
N ARG A 474 -4.57 8.01 -8.48
CA ARG A 474 -4.77 9.24 -9.25
C ARG A 474 -5.95 10.04 -8.70
N LEU A 475 -7.02 9.36 -8.28
CA LEU A 475 -8.17 10.06 -7.73
C LEU A 475 -7.86 10.66 -6.36
N MET A 476 -7.14 9.92 -5.51
CA MET A 476 -6.73 10.48 -4.22
C MET A 476 -5.88 11.72 -4.43
N ARG A 477 -5.08 11.75 -5.49
CA ARG A 477 -4.27 12.92 -5.79
C ARG A 477 -5.13 14.11 -6.21
N TYR A 478 -6.16 13.86 -7.04
CA TYR A 478 -7.10 14.92 -7.40
C TYR A 478 -7.75 15.52 -6.16
N TRP A 479 -8.31 14.67 -5.30
CA TRP A 479 -9.02 15.16 -4.13
C TRP A 479 -8.10 15.94 -3.20
N ALA A 480 -6.86 15.45 -3.01
CA ALA A 480 -5.94 16.11 -2.09
C ALA A 480 -5.39 17.40 -2.69
N ASN A 481 -5.15 17.41 -4.00
CA ASN A 481 -4.76 18.65 -4.66
C ASN A 481 -5.83 19.72 -4.50
N PHE A 482 -7.10 19.34 -4.61
CA PHE A 482 -8.18 20.29 -4.40
C PHE A 482 -8.22 20.77 -2.95
N ALA A 483 -8.05 19.85 -1.99
CA ALA A 483 -8.05 20.25 -0.59
C ALA A 483 -6.92 21.22 -0.27
N ARG A 484 -5.74 20.99 -0.87
CA ARG A 484 -4.58 21.83 -0.59
C ARG A 484 -4.71 23.21 -1.23
N THR A 485 -5.04 23.24 -2.53
CA THR A 485 -4.95 24.47 -3.32
C THR A 485 -6.27 24.96 -3.88
N GLY A 486 -7.36 24.20 -3.75
CA GLY A 486 -8.59 24.54 -4.44
C GLY A 486 -8.59 24.23 -5.91
N ASP A 487 -7.64 23.42 -6.37
CA ASP A 487 -7.48 23.07 -7.78
C ASP A 487 -7.05 21.61 -7.86
N PRO A 488 -7.85 20.75 -8.49
CA PRO A 488 -7.47 19.33 -8.59
C PRO A 488 -6.29 19.09 -9.51
N ASN A 489 -5.92 20.06 -10.35
CA ASN A 489 -4.83 19.88 -11.28
C ASN A 489 -3.49 19.96 -10.57
N GLU A 490 -2.52 19.24 -11.11
CA GLU A 490 -1.21 19.20 -10.48
C GLU A 490 -0.39 20.44 -10.86
N PRO A 491 0.25 21.11 -9.88
CA PRO A 491 1.15 22.24 -10.06
C PRO A 491 2.31 21.94 -11.01
N ALA A 496 0.42 16.54 -18.80
CA ALA A 496 -0.72 16.10 -18.00
C ALA A 496 -2.01 16.76 -18.48
N PRO A 497 -3.01 15.95 -18.82
CA PRO A 497 -4.30 16.51 -19.25
C PRO A 497 -4.92 17.33 -18.14
N GLN A 498 -5.38 18.53 -18.49
CA GLN A 498 -5.87 19.47 -17.50
C GLN A 498 -7.37 19.31 -17.28
N TRP A 499 -7.79 19.65 -16.06
CA TRP A 499 -9.19 19.61 -15.66
C TRP A 499 -9.73 21.03 -15.63
N PRO A 500 -10.51 21.45 -16.63
CA PRO A 500 -10.94 22.84 -16.70
C PRO A 500 -12.09 23.11 -15.74
N PRO A 501 -12.22 24.35 -15.26
CA PRO A 501 -13.35 24.68 -14.37
C PRO A 501 -14.68 24.55 -15.09
N TYR A 502 -15.72 24.28 -14.30
CA TYR A 502 -17.09 24.23 -14.81
C TYR A 502 -17.72 25.62 -14.74
N THR A 503 -18.30 26.05 -15.85
CA THR A 503 -18.99 27.33 -15.91
C THR A 503 -20.36 27.15 -16.54
N ALA A 504 -21.28 28.06 -16.21
CA ALA A 504 -22.66 27.93 -16.65
C ALA A 504 -22.81 27.93 -18.16
N GLY A 505 -21.86 28.50 -18.90
CA GLY A 505 -21.93 28.52 -20.35
C GLY A 505 -21.34 27.30 -21.00
N ALA A 506 -20.04 27.07 -20.79
CA ALA A 506 -19.38 25.93 -21.44
C ALA A 506 -19.79 24.61 -20.82
N GLN A 507 -20.03 24.59 -19.50
CA GLN A 507 -20.50 23.40 -18.78
C GLN A 507 -19.55 22.22 -18.96
N GLN A 508 -18.25 22.47 -18.84
CA GLN A 508 -17.26 21.43 -19.04
C GLN A 508 -17.04 20.60 -17.78
N TYR A 509 -16.88 19.29 -17.98
CA TYR A 509 -16.59 18.36 -16.89
C TYR A 509 -15.66 17.28 -17.45
N VAL A 510 -15.11 16.45 -16.57
CA VAL A 510 -14.18 15.42 -16.99
C VAL A 510 -14.75 14.05 -16.67
N SER A 511 -14.32 13.06 -17.46
CA SER A 511 -14.66 11.66 -17.22
C SER A 511 -13.57 11.05 -16.33
N LEU A 512 -14.01 10.33 -15.30
CA LEU A 512 -13.11 9.65 -14.38
C LEU A 512 -13.22 8.16 -14.63
N ASP A 513 -12.17 7.58 -15.23
CA ASP A 513 -12.10 6.14 -15.47
C ASP A 513 -10.64 5.79 -15.70
N LEU A 514 -10.40 4.55 -16.17
CA LEU A 514 -9.03 4.08 -16.36
C LEU A 514 -8.30 4.86 -17.44
N ARG A 515 -9.02 5.40 -18.42
CA ARG A 515 -8.40 6.20 -19.46
C ARG A 515 -8.01 7.56 -18.89
N PRO A 516 -7.13 8.30 -19.57
CA PRO A 516 -6.80 9.66 -19.14
C PRO A 516 -8.02 10.57 -19.18
N LEU A 517 -7.87 11.75 -18.58
CA LEU A 517 -8.97 12.69 -18.46
C LEU A 517 -9.51 13.08 -19.83
N GLU A 518 -10.83 13.09 -19.97
CA GLU A 518 -11.49 13.47 -21.20
C GLU A 518 -12.52 14.56 -20.88
N VAL A 519 -12.40 15.70 -21.56
CA VAL A 519 -13.28 16.83 -21.33
C VAL A 519 -14.56 16.64 -22.15
N ARG A 520 -15.71 16.81 -21.49
CA ARG A 520 -17.01 16.78 -22.16
C ARG A 520 -17.79 18.02 -21.76
N ARG A 521 -18.95 18.20 -22.39
CA ARG A 521 -19.82 19.35 -22.17
C ARG A 521 -21.22 18.88 -21.78
N GLY A 522 -21.83 19.59 -20.84
CA GLY A 522 -23.22 19.36 -20.50
C GLY A 522 -23.48 18.16 -19.61
N LEU A 523 -23.90 18.43 -18.37
CA LEU A 523 -24.34 17.36 -17.46
C LEU A 523 -25.81 17.08 -17.76
N ARG A 524 -26.02 16.31 -18.83
CA ARG A 524 -27.35 15.98 -19.33
CA ARG A 524 -27.35 15.98 -19.33
C ARG A 524 -28.21 17.25 -19.43
N ALA A 525 -27.71 18.19 -20.24
CA ALA A 525 -28.32 19.51 -20.33
C ALA A 525 -29.78 19.45 -20.75
N GLN A 526 -30.10 18.61 -21.75
CA GLN A 526 -31.48 18.55 -22.23
C GLN A 526 -32.41 18.05 -21.13
N ALA A 527 -32.05 16.94 -20.48
CA ALA A 527 -32.89 16.40 -19.42
C ALA A 527 -33.00 17.35 -18.24
N CYS A 528 -31.90 17.96 -17.85
CA CYS A 528 -31.85 18.83 -16.67
C CYS A 528 -32.56 20.16 -16.92
N ALA A 529 -32.67 20.58 -18.18
CA ALA A 529 -33.51 21.73 -18.52
C ALA A 529 -34.97 21.46 -18.20
N PHE A 530 -35.41 20.22 -18.42
CA PHE A 530 -36.76 19.84 -18.07
C PHE A 530 -36.97 19.90 -16.55
N TRP A 531 -36.05 19.34 -15.77
CA TRP A 531 -36.23 19.25 -14.33
C TRP A 531 -36.03 20.60 -13.64
N ASN A 532 -35.08 21.41 -14.10
CA ASN A 532 -34.69 22.62 -13.39
C ASN A 532 -35.37 23.88 -13.92
N ARG A 533 -35.83 23.88 -15.16
CA ARG A 533 -36.44 25.07 -15.76
C ARG A 533 -37.93 24.94 -15.98
N PHE A 534 -38.39 23.86 -16.60
CA PHE A 534 -39.80 23.78 -17.00
C PHE A 534 -40.69 23.20 -15.90
N LEU A 535 -40.36 22.00 -15.40
CA LEU A 535 -41.24 21.33 -14.44
C LEU A 535 -41.59 22.17 -13.22
N PRO A 536 -40.69 22.98 -12.64
CA PRO A 536 -41.15 23.89 -11.58
C PRO A 536 -42.25 24.83 -12.04
N LYS A 537 -42.17 25.33 -13.27
CA LYS A 537 -43.24 26.18 -13.80
C LYS A 537 -44.55 25.41 -13.91
N LEU A 538 -44.47 24.12 -14.26
CA LEU A 538 -45.67 23.30 -14.37
C LEU A 538 -46.30 23.05 -13.01
N LEU A 539 -45.46 22.87 -11.98
CA LEU A 539 -46.00 22.62 -10.65
C LEU A 539 -46.64 23.87 -10.05
N SER A 540 -46.21 25.05 -10.47
CA SER A 540 -46.80 26.29 -9.97
C SER A 540 -48.17 26.55 -10.58
N ALA A 541 -48.34 26.23 -11.86
CA ALA A 541 -49.63 26.40 -12.54
C ALA A 541 -50.61 25.30 -12.14
N ASP B 4 21.93 -15.06 34.57
CA ASP B 4 21.49 -13.90 33.80
C ASP B 4 20.27 -14.26 32.96
N ALA B 5 19.09 -13.93 33.47
CA ALA B 5 17.84 -14.31 32.81
C ALA B 5 17.71 -13.71 31.41
N GLU B 6 18.43 -12.63 31.12
CA GLU B 6 18.33 -12.01 29.80
C GLU B 6 18.91 -12.91 28.71
N LEU B 7 19.84 -13.80 29.07
CA LEU B 7 20.49 -14.70 28.13
C LEU B 7 19.82 -16.07 28.04
N LEU B 8 18.70 -16.25 28.73
CA LEU B 8 17.96 -17.51 28.72
C LEU B 8 16.66 -17.30 27.95
N VAL B 9 16.47 -18.06 26.88
CA VAL B 9 15.31 -17.94 26.03
C VAL B 9 14.78 -19.34 25.73
N THR B 10 13.46 -19.48 25.72
CA THR B 10 12.81 -20.72 25.34
C THR B 10 12.13 -20.53 23.98
N VAL B 11 12.51 -21.34 23.01
CA VAL B 11 11.83 -21.37 21.72
C VAL B 11 11.03 -22.66 21.65
N ARG B 12 10.33 -22.88 20.55
CA ARG B 12 9.47 -24.05 20.44
C ARG B 12 10.24 -25.36 20.54
N GLY B 13 11.50 -25.36 20.11
CA GLY B 13 12.28 -26.58 20.17
C GLY B 13 12.88 -26.89 21.51
N GLY B 14 13.02 -25.88 22.37
CA GLY B 14 13.62 -26.06 23.67
C GLY B 14 14.25 -24.78 24.16
N ARG B 15 15.16 -24.93 25.11
CA ARG B 15 15.77 -23.80 25.81
C ARG B 15 17.14 -23.47 25.21
N LEU B 16 17.49 -22.18 25.25
CA LEU B 16 18.73 -21.68 24.70
C LEU B 16 19.45 -20.81 25.74
N ARG B 17 20.78 -20.78 25.64
CA ARG B 17 21.61 -19.93 26.48
CA ARG B 17 21.61 -19.93 26.48
C ARG B 17 22.49 -19.08 25.60
N GLY B 18 22.32 -17.76 25.67
CA GLY B 18 23.07 -16.83 24.84
C GLY B 18 24.29 -16.28 25.55
N ILE B 19 24.86 -15.22 24.97
CA ILE B 19 26.05 -14.58 25.48
C ILE B 19 25.88 -13.07 25.35
N ARG B 20 26.42 -12.33 26.31
CA ARG B 20 26.40 -10.87 26.29
C ARG B 20 27.67 -10.36 25.60
N LEU B 21 27.48 -9.52 24.58
CA LEU B 21 28.58 -8.95 23.81
C LEU B 21 28.71 -7.46 24.12
N LYS B 22 29.89 -6.93 23.87
CA LYS B 22 30.16 -5.51 24.08
C LYS B 22 30.33 -4.76 22.78
N THR B 23 29.82 -3.55 22.76
CA THR B 23 29.99 -2.58 21.70
C THR B 23 30.39 -1.27 22.34
N PRO B 24 30.99 -0.35 21.57
CA PRO B 24 31.31 0.98 22.13
C PRO B 24 30.10 1.73 22.68
N GLY B 25 28.91 1.43 22.20
CA GLY B 25 27.70 2.06 22.67
C GLY B 25 26.94 1.29 23.74
N GLY B 26 27.48 0.17 24.22
CA GLY B 26 26.79 -0.63 25.19
C GLY B 26 26.69 -2.09 24.80
N PRO B 27 26.10 -2.90 25.67
CA PRO B 27 26.00 -4.34 25.41
C PRO B 27 24.79 -4.71 24.55
N VAL B 28 24.90 -5.87 23.90
CA VAL B 28 23.80 -6.48 23.18
C VAL B 28 23.74 -7.96 23.53
N SER B 29 22.58 -8.56 23.34
CA SER B 29 22.37 -9.98 23.57
C SER B 29 22.52 -10.72 22.25
N ALA B 30 23.24 -11.84 22.27
CA ALA B 30 23.48 -12.64 21.08
C ALA B 30 23.17 -14.11 21.35
N PHE B 31 22.57 -14.75 20.37
CA PHE B 31 22.23 -16.18 20.42
C PHE B 31 22.73 -16.78 19.12
N LEU B 32 23.88 -17.47 19.19
CA LEU B 32 24.60 -17.93 18.02
C LEU B 32 24.59 -19.44 17.96
N GLY B 33 24.40 -19.98 16.75
CA GLY B 33 24.40 -21.42 16.60
C GLY B 33 23.11 -22.10 16.98
N ILE B 34 21.98 -21.42 16.82
CA ILE B 34 20.68 -22.04 17.08
C ILE B 34 20.34 -23.00 15.94
N PRO B 35 20.09 -24.28 16.21
CA PRO B 35 19.70 -25.20 15.14
C PRO B 35 18.25 -24.97 14.72
N PHE B 36 18.05 -24.78 13.41
CA PHE B 36 16.71 -24.64 12.86
C PHE B 36 16.31 -25.78 11.94
N ALA B 37 17.21 -26.73 11.70
CA ALA B 37 16.91 -27.86 10.85
C ALA B 37 17.67 -29.08 11.34
N GLU B 38 17.18 -30.26 10.96
CA GLU B 38 17.93 -31.49 11.19
C GLU B 38 19.17 -31.51 10.29
N PRO B 39 20.30 -32.01 10.78
CA PRO B 39 21.54 -32.01 9.98
C PRO B 39 21.35 -32.74 8.67
N PRO B 40 21.59 -32.06 7.55
CA PRO B 40 21.39 -32.65 6.20
C PRO B 40 22.58 -33.50 5.76
N MET B 41 22.79 -34.61 6.47
CA MET B 41 23.93 -35.48 6.23
C MET B 41 23.44 -36.87 5.82
N GLY B 42 24.38 -37.65 5.29
CA GLY B 42 24.10 -39.01 4.88
C GLY B 42 23.01 -39.07 3.82
N PRO B 43 21.92 -39.77 4.15
CA PRO B 43 20.81 -39.89 3.18
C PRO B 43 20.05 -38.60 2.98
N ARG B 44 20.29 -37.58 3.80
CA ARG B 44 19.59 -36.30 3.68
C ARG B 44 20.36 -35.28 2.85
N ARG B 45 21.53 -35.64 2.33
CA ARG B 45 22.22 -34.78 1.39
C ARG B 45 21.38 -34.60 0.14
N PHE B 46 21.37 -33.37 -0.39
CA PHE B 46 20.61 -32.93 -1.56
C PHE B 46 19.11 -32.88 -1.32
N LEU B 47 18.63 -33.19 -0.11
CA LEU B 47 17.21 -33.24 0.19
C LEU B 47 16.75 -31.94 0.86
N PRO B 48 15.47 -31.62 0.76
CA PRO B 48 14.97 -30.42 1.43
C PRO B 48 15.18 -30.50 2.92
N PRO B 49 15.28 -29.36 3.60
CA PRO B 49 15.56 -29.39 5.04
C PRO B 49 14.33 -29.82 5.84
N GLU B 50 14.59 -30.59 6.89
CA GLU B 50 13.58 -31.00 7.87
C GLU B 50 13.66 -30.10 9.10
N PRO B 51 12.52 -29.72 9.67
CA PRO B 51 12.55 -28.90 10.89
C PRO B 51 13.29 -29.61 12.01
N LYS B 52 14.01 -28.83 12.81
CA LYS B 52 14.76 -29.39 13.92
C LYS B 52 13.80 -29.97 14.96
N GLN B 53 14.03 -31.23 15.32
CA GLN B 53 13.20 -31.87 16.33
C GLN B 53 13.46 -31.27 17.71
N PRO B 54 12.43 -31.21 18.56
CA PRO B 54 12.62 -30.63 19.91
C PRO B 54 13.70 -31.36 20.69
N TRP B 55 14.37 -30.60 21.55
CA TRP B 55 15.48 -31.11 22.36
C TRP B 55 15.22 -30.87 23.84
N SER B 56 15.82 -31.70 24.67
CA SER B 56 15.84 -31.51 26.11
C SER B 56 17.15 -30.88 26.53
N GLY B 57 17.15 -30.29 27.71
CA GLY B 57 18.32 -29.55 28.16
C GLY B 57 18.39 -28.18 27.52
N VAL B 58 19.57 -27.57 27.65
CA VAL B 58 19.78 -26.20 27.19
C VAL B 58 20.84 -26.22 26.10
N VAL B 59 20.45 -25.78 24.90
CA VAL B 59 21.41 -25.65 23.80
C VAL B 59 22.34 -24.48 24.08
N ASP B 60 23.64 -24.71 23.93
CA ASP B 60 24.63 -23.66 24.10
C ASP B 60 24.63 -22.77 22.87
N ALA B 61 24.15 -21.53 23.02
CA ALA B 61 24.11 -20.61 21.89
C ALA B 61 25.05 -19.42 22.11
N THR B 62 26.31 -19.71 22.41
CA THR B 62 27.28 -18.68 22.75
C THR B 62 28.36 -18.49 21.70
N THR B 63 28.44 -19.36 20.69
CA THR B 63 29.45 -19.21 19.65
C THR B 63 28.87 -19.66 18.31
N PHE B 64 29.50 -19.17 17.24
CA PHE B 64 29.08 -19.51 15.88
C PHE B 64 29.28 -21.00 15.61
N GLN B 65 28.39 -21.57 14.81
CA GLN B 65 28.47 -22.97 14.46
C GLN B 65 29.30 -23.12 13.17
N SER B 66 29.41 -24.36 12.70
CA SER B 66 30.26 -24.67 11.56
C SER B 66 29.72 -24.05 10.28
N VAL B 67 30.64 -23.78 9.35
CA VAL B 67 30.33 -23.25 8.03
C VAL B 67 29.99 -24.40 7.10
N CYS B 68 28.95 -24.21 6.26
CA CYS B 68 28.59 -25.23 5.29
C CYS B 68 29.75 -25.46 4.34
N TYR B 69 29.97 -26.72 3.94
CA TYR B 69 31.13 -27.08 3.12
C TYR B 69 31.16 -26.27 1.82
N GLN B 70 32.30 -25.64 1.56
CA GLN B 70 32.42 -24.74 0.41
C GLN B 70 33.88 -24.62 0.00
N TYR B 71 34.08 -24.15 -1.22
CA TYR B 71 35.40 -23.86 -1.75
C TYR B 71 36.06 -22.72 -0.98
N VAL B 72 37.37 -22.80 -0.82
CA VAL B 72 38.16 -21.78 -0.13
C VAL B 72 39.11 -21.15 -1.15
N ASP B 73 39.03 -19.82 -1.30
CA ASP B 73 39.86 -19.12 -2.27
C ASP B 73 41.34 -19.22 -1.89
N THR B 74 42.19 -19.44 -2.89
CA THR B 74 43.63 -19.58 -2.68
C THR B 74 44.46 -18.76 -3.65
N LEU B 75 43.85 -17.81 -4.37
CA LEU B 75 44.61 -17.03 -5.35
C LEU B 75 45.62 -16.12 -4.66
N TYR B 76 45.24 -15.50 -3.55
CA TYR B 76 46.13 -14.62 -2.79
C TYR B 76 46.15 -15.09 -1.33
N PRO B 77 46.92 -16.11 -1.01
CA PRO B 77 46.93 -16.64 0.36
C PRO B 77 47.46 -15.60 1.34
N GLY B 78 46.72 -15.43 2.44
CA GLY B 78 47.05 -14.47 3.47
C GLY B 78 46.64 -13.05 3.17
N PHE B 79 46.09 -12.78 1.99
CA PHE B 79 45.68 -11.44 1.62
C PHE B 79 44.34 -11.10 2.28
N GLU B 80 44.28 -9.95 2.95
CA GLU B 80 43.09 -9.60 3.72
C GLU B 80 41.86 -9.44 2.83
N GLY B 81 42.04 -8.93 1.61
CA GLY B 81 40.90 -8.68 0.73
C GLY B 81 40.14 -9.93 0.35
N THR B 82 40.79 -11.09 0.40
CA THR B 82 40.13 -12.36 0.10
C THR B 82 39.87 -13.20 1.35
N GLU B 83 40.71 -13.09 2.38
CA GLU B 83 40.54 -13.92 3.56
C GLU B 83 39.29 -13.53 4.35
N MET B 84 38.86 -12.27 4.24
CA MET B 84 37.68 -11.82 4.96
C MET B 84 36.40 -12.51 4.50
N TRP B 85 36.41 -13.12 3.32
CA TRP B 85 35.27 -13.86 2.81
C TRP B 85 35.40 -15.37 3.00
N ASN B 86 36.58 -15.86 3.37
CA ASN B 86 36.81 -17.28 3.55
C ASN B 86 36.21 -17.75 4.88
N PRO B 87 35.87 -19.04 4.98
CA PRO B 87 35.31 -19.57 6.23
C PRO B 87 36.24 -19.32 7.42
N ASN B 88 35.64 -18.83 8.51
CA ASN B 88 36.36 -18.61 9.76
C ASN B 88 35.95 -19.61 10.84
N ARG B 89 35.21 -20.66 10.47
CA ARG B 89 34.91 -21.78 11.34
C ARG B 89 35.12 -23.06 10.55
N GLU B 90 35.15 -24.19 11.25
CA GLU B 90 35.38 -25.46 10.57
C GLU B 90 34.24 -25.76 9.60
N LEU B 91 34.57 -26.47 8.53
CA LEU B 91 33.59 -26.85 7.53
C LEU B 91 32.84 -28.10 7.96
N SER B 92 31.56 -28.16 7.63
CA SER B 92 30.71 -29.28 8.01
C SER B 92 29.44 -29.24 7.18
N GLU B 93 28.88 -30.42 6.91
CA GLU B 93 27.54 -30.50 6.38
C GLU B 93 26.50 -30.26 7.47
N ASP B 94 26.86 -30.49 8.73
CA ASP B 94 26.03 -30.12 9.88
C ASP B 94 26.19 -28.61 10.07
N CYS B 95 25.41 -27.86 9.30
CA CYS B 95 25.70 -26.44 9.23
C CYS B 95 24.46 -25.55 9.29
N LEU B 96 23.25 -26.13 9.40
CA LEU B 96 22.00 -25.35 9.36
C LEU B 96 21.71 -24.76 10.75
N TYR B 97 22.35 -23.63 11.02
CA TYR B 97 22.17 -22.88 12.25
C TYR B 97 21.95 -21.42 11.91
N LEU B 98 21.21 -20.71 12.77
CA LEU B 98 20.98 -19.29 12.60
C LEU B 98 21.38 -18.56 13.88
N ASN B 99 21.45 -17.23 13.78
CA ASN B 99 21.91 -16.39 14.86
C ASN B 99 20.93 -15.25 15.07
N VAL B 100 20.77 -14.84 16.33
CA VAL B 100 19.86 -13.76 16.72
C VAL B 100 20.63 -12.78 17.57
N TRP B 101 20.60 -11.50 17.19
CA TRP B 101 21.13 -10.41 18.00
C TRP B 101 19.96 -9.54 18.45
N THR B 102 19.93 -9.22 19.73
CA THR B 102 18.92 -8.35 20.31
C THR B 102 19.59 -7.33 21.22
N PRO B 103 18.94 -6.19 21.46
CA PRO B 103 19.46 -5.25 22.47
C PRO B 103 19.50 -5.88 23.85
N TYR B 104 20.32 -5.30 24.71
CA TYR B 104 20.44 -5.73 26.11
C TYR B 104 19.96 -4.61 27.02
N PRO B 105 18.96 -4.86 27.89
CA PRO B 105 18.26 -6.14 28.02
C PRO B 105 17.30 -6.38 26.86
N ARG B 106 16.83 -7.62 26.72
CA ARG B 106 16.01 -7.98 25.57
C ARG B 106 14.80 -7.05 25.48
N PRO B 107 14.41 -6.64 24.28
CA PRO B 107 13.23 -5.78 24.13
C PRO B 107 11.99 -6.45 24.70
N THR B 108 11.22 -5.67 25.45
CA THR B 108 9.94 -6.12 25.97
C THR B 108 8.76 -5.70 25.10
N SER B 109 9.01 -4.88 24.08
CA SER B 109 8.03 -4.48 23.08
C SER B 109 8.46 -4.97 21.71
N PRO B 110 7.51 -5.34 20.83
CA PRO B 110 7.86 -5.83 19.50
C PRO B 110 8.81 -4.92 18.74
N THR B 111 9.94 -5.47 18.32
CA THR B 111 11.01 -4.74 17.67
C THR B 111 11.14 -5.17 16.21
N PRO B 112 11.29 -4.23 15.27
CA PRO B 112 11.48 -4.60 13.86
C PRO B 112 12.67 -5.53 13.67
N VAL B 113 12.51 -6.48 12.74
CA VAL B 113 13.46 -7.57 12.55
C VAL B 113 14.13 -7.43 11.20
N LEU B 114 15.46 -7.54 11.19
CA LEU B 114 16.27 -7.59 9.99
C LEU B 114 16.82 -9.00 9.83
N VAL B 115 16.69 -9.56 8.62
CA VAL B 115 17.13 -10.92 8.34
C VAL B 115 18.18 -10.85 7.22
N TRP B 116 19.40 -11.26 7.53
CA TRP B 116 20.52 -11.17 6.60
C TRP B 116 20.72 -12.49 5.88
N ILE B 117 20.89 -12.42 4.56
CA ILE B 117 21.22 -13.56 3.73
C ILE B 117 22.53 -13.25 3.03
N TYR B 118 23.60 -13.94 3.40
CA TYR B 118 24.91 -13.65 2.85
C TYR B 118 24.99 -14.06 1.37
N GLY B 119 25.94 -13.45 0.67
CA GLY B 119 26.23 -13.81 -0.71
C GLY B 119 27.43 -14.74 -0.83
N GLY B 120 27.92 -14.86 -2.05
CA GLY B 120 29.03 -15.75 -2.34
C GLY B 120 28.78 -16.67 -3.52
N GLY B 121 28.05 -16.17 -4.51
CA GLY B 121 27.83 -16.89 -5.76
C GLY B 121 27.11 -18.21 -5.61
N PHE B 122 26.37 -18.40 -4.51
CA PHE B 122 25.69 -19.64 -4.18
C PHE B 122 26.65 -20.81 -3.98
N TYR B 123 27.96 -20.55 -3.94
CA TYR B 123 28.96 -21.59 -3.68
C TYR B 123 29.75 -21.36 -2.40
N SER B 124 29.59 -20.21 -1.74
CA SER B 124 30.38 -19.89 -0.56
C SER B 124 29.58 -18.93 0.31
N GLY B 125 30.15 -18.58 1.46
CA GLY B 125 29.52 -17.67 2.39
C GLY B 125 29.26 -18.28 3.74
N ALA B 126 29.10 -17.45 4.76
CA ALA B 126 28.84 -17.91 6.12
C ALA B 126 28.33 -16.76 6.95
N SER B 127 27.41 -17.05 7.87
CA SER B 127 26.86 -16.00 8.72
C SER B 127 27.82 -15.59 9.83
N SER B 128 28.93 -16.31 10.01
CA SER B 128 29.88 -16.08 11.08
C SER B 128 31.00 -15.11 10.71
N LEU B 129 31.05 -14.64 9.46
CA LEU B 129 32.12 -13.75 9.05
C LEU B 129 32.12 -12.47 9.87
N ASP B 130 33.33 -11.93 10.10
CA ASP B 130 33.47 -10.74 10.95
C ASP B 130 32.69 -9.56 10.39
N VAL B 131 32.64 -9.43 9.06
CA VAL B 131 31.96 -8.29 8.44
C VAL B 131 30.44 -8.40 8.52
N TYR B 132 29.90 -9.55 8.92
CA TYR B 132 28.46 -9.70 9.14
C TYR B 132 28.09 -9.61 10.62
N ASP B 133 28.97 -9.09 11.46
CA ASP B 133 28.70 -8.98 12.89
C ASP B 133 27.58 -7.97 13.13
N GLY B 134 26.45 -8.46 13.64
CA GLY B 134 25.26 -7.65 13.81
C GLY B 134 25.17 -6.86 15.09
N ARG B 135 26.21 -6.86 15.93
CA ARG B 135 26.12 -6.21 17.23
C ARG B 135 26.02 -4.70 17.13
N PHE B 136 26.64 -4.09 16.10
CA PHE B 136 26.63 -2.64 15.99
C PHE B 136 25.29 -2.12 15.48
N LEU B 137 24.71 -2.81 14.49
CA LEU B 137 23.39 -2.43 13.99
C LEU B 137 22.35 -2.53 15.10
N VAL B 138 22.39 -3.63 15.85
CA VAL B 138 21.39 -3.87 16.87
C VAL B 138 21.49 -2.82 17.98
N GLN B 139 22.72 -2.45 18.36
CA GLN B 139 22.89 -1.46 19.42
C GLN B 139 22.47 -0.08 18.95
N ALA B 140 22.95 0.34 17.78
CA ALA B 140 22.75 1.72 17.34
C ALA B 140 21.31 1.98 16.94
N GLU B 141 20.64 1.00 16.32
CA GLU B 141 19.33 1.22 15.76
C GLU B 141 18.23 0.43 16.45
N ARG B 142 18.57 -0.41 17.42
CA ARG B 142 17.61 -1.12 18.26
C ARG B 142 16.64 -1.93 17.39
N THR B 143 17.20 -2.84 16.63
CA THR B 143 16.44 -3.83 15.89
C THR B 143 16.90 -5.22 16.31
N VAL B 144 16.09 -6.21 16.01
CA VAL B 144 16.51 -7.60 16.12
C VAL B 144 17.08 -8.03 14.78
N LEU B 145 18.27 -8.62 14.80
CA LEU B 145 18.94 -9.05 13.58
C LEU B 145 19.09 -10.56 13.59
N VAL B 146 18.68 -11.20 12.49
CA VAL B 146 18.78 -12.65 12.33
C VAL B 146 19.58 -12.93 11.07
N SER B 147 20.47 -13.91 11.16
CA SER B 147 21.21 -14.40 9.99
C SER B 147 21.28 -15.91 10.08
N MET B 148 21.18 -16.56 8.93
CA MET B 148 21.18 -18.02 8.90
C MET B 148 22.25 -18.52 7.95
N ASN B 149 22.72 -19.74 8.22
CA ASN B 149 23.54 -20.48 7.27
C ASN B 149 22.63 -21.30 6.37
N TYR B 150 22.93 -21.30 5.07
CA TYR B 150 22.22 -22.13 4.11
C TYR B 150 23.23 -22.87 3.24
N ARG B 151 22.83 -24.06 2.78
CA ARG B 151 23.72 -24.90 2.00
C ARG B 151 24.09 -24.22 0.68
N VAL B 152 25.37 -24.30 0.32
CA VAL B 152 25.89 -23.70 -0.90
C VAL B 152 26.52 -24.80 -1.76
N GLY B 153 26.87 -24.43 -3.00
CA GLY B 153 27.48 -25.36 -3.92
C GLY B 153 26.54 -26.49 -4.27
N ALA B 154 27.12 -27.66 -4.57
CA ALA B 154 26.31 -28.82 -4.91
C ALA B 154 25.38 -29.22 -3.77
N PHE B 155 25.84 -29.06 -2.52
CA PHE B 155 25.04 -29.46 -1.37
C PHE B 155 23.73 -28.68 -1.29
N GLY B 156 23.69 -27.48 -1.85
CA GLY B 156 22.49 -26.67 -1.77
C GLY B 156 21.74 -26.51 -3.08
N PHE B 157 22.39 -26.76 -4.22
CA PHE B 157 21.76 -26.46 -5.50
C PHE B 157 22.07 -27.46 -6.61
N LEU B 158 22.61 -28.63 -6.30
CA LEU B 158 22.68 -29.69 -7.29
C LEU B 158 21.27 -30.18 -7.59
N ALA B 159 20.94 -30.27 -8.87
CA ALA B 159 19.57 -30.59 -9.26
C ALA B 159 19.56 -31.62 -10.38
N LEU B 160 18.82 -32.71 -10.17
CA LEU B 160 18.39 -33.61 -11.23
C LEU B 160 16.89 -33.40 -11.39
N PRO B 161 16.47 -32.44 -12.22
CA PRO B 161 15.06 -32.02 -12.21
C PRO B 161 14.10 -33.17 -12.51
N GLY B 162 12.99 -33.19 -11.76
CA GLY B 162 12.03 -34.27 -11.82
C GLY B 162 12.26 -35.37 -10.82
N SER B 163 13.46 -35.49 -10.28
CA SER B 163 13.79 -36.49 -9.28
C SER B 163 13.44 -35.99 -7.87
N ARG B 164 13.20 -36.94 -6.98
CA ARG B 164 12.97 -36.62 -5.58
C ARG B 164 14.21 -36.75 -4.71
N GLU B 165 15.28 -37.33 -5.22
CA GLU B 165 16.50 -37.48 -4.44
C GLU B 165 17.40 -36.25 -4.57
N ALA B 166 17.25 -35.47 -5.64
CA ALA B 166 17.95 -34.19 -5.79
C ALA B 166 17.04 -33.22 -6.52
N PRO B 167 16.02 -32.68 -5.84
CA PRO B 167 15.06 -31.80 -6.52
C PRO B 167 15.64 -30.44 -6.90
N GLY B 168 16.64 -29.96 -6.18
CA GLY B 168 17.21 -28.66 -6.44
C GLY B 168 16.61 -27.59 -5.54
N ASN B 169 17.32 -26.46 -5.45
CA ASN B 169 16.89 -25.28 -4.70
C ASN B 169 16.77 -25.54 -3.20
N VAL B 170 17.40 -26.61 -2.69
CA VAL B 170 17.26 -26.91 -1.27
C VAL B 170 17.99 -25.88 -0.42
N GLY B 171 19.01 -25.23 -0.98
CA GLY B 171 19.62 -24.11 -0.28
C GLY B 171 18.66 -22.95 -0.11
N LEU B 172 17.80 -22.72 -1.11
CA LEU B 172 16.73 -21.73 -0.96
C LEU B 172 15.71 -22.16 0.08
N LEU B 173 15.40 -23.45 0.12
CA LEU B 173 14.48 -23.96 1.14
C LEU B 173 15.09 -23.86 2.54
N ASP B 174 16.42 -23.96 2.65
CA ASP B 174 17.07 -23.70 3.94
C ASP B 174 16.75 -22.30 4.43
N GLN B 175 16.85 -21.31 3.54
CA GLN B 175 16.56 -19.93 3.91
C GLN B 175 15.09 -19.77 4.28
N ARG B 176 14.19 -20.39 3.51
CA ARG B 176 12.77 -20.27 3.79
C ARG B 176 12.42 -20.89 5.14
N LEU B 177 13.04 -22.02 5.46
CA LEU B 177 12.83 -22.65 6.77
C LEU B 177 13.27 -21.72 7.90
N ALA B 178 14.40 -21.02 7.71
CA ALA B 178 14.83 -20.06 8.71
C ALA B 178 13.85 -18.90 8.82
N LEU B 179 13.24 -18.50 7.70
CA LEU B 179 12.22 -17.47 7.73
C LEU B 179 10.97 -17.94 8.46
N GLN B 180 10.59 -19.21 8.29
CA GLN B 180 9.49 -19.77 9.05
C GLN B 180 9.84 -19.85 10.53
N TRP B 181 11.11 -20.17 10.83
CA TRP B 181 11.55 -20.20 12.21
C TRP B 181 11.42 -18.82 12.85
N VAL B 182 11.71 -17.77 12.09
CA VAL B 182 11.61 -16.40 12.61
C VAL B 182 10.15 -16.07 12.94
N GLN B 183 9.23 -16.42 12.02
CA GLN B 183 7.81 -16.15 12.26
C GLN B 183 7.33 -16.81 13.56
N GLU B 184 7.85 -17.98 13.89
CA GLU B 184 7.35 -18.74 15.03
C GLU B 184 8.08 -18.46 16.33
N ASN B 185 9.30 -17.91 16.28
CA ASN B 185 10.13 -17.82 17.47
C ASN B 185 10.74 -16.46 17.74
N VAL B 186 10.71 -15.52 16.79
CA VAL B 186 11.42 -14.27 17.00
C VAL B 186 10.78 -13.43 18.10
N ALA B 187 9.50 -13.63 18.39
CA ALA B 187 8.86 -12.89 19.47
C ALA B 187 9.43 -13.25 20.83
N ALA B 188 9.96 -14.46 20.98
CA ALA B 188 10.60 -14.84 22.24
C ALA B 188 11.86 -14.03 22.51
N PHE B 189 12.42 -13.37 21.50
CA PHE B 189 13.57 -12.50 21.65
C PHE B 189 13.21 -11.03 21.67
N GLY B 190 11.91 -10.71 21.63
CA GLY B 190 11.47 -9.34 21.52
C GLY B 190 11.26 -8.85 20.10
N GLY B 191 11.36 -9.74 19.11
CA GLY B 191 11.19 -9.31 17.75
C GLY B 191 9.74 -9.30 17.32
N ASP B 192 9.46 -8.49 16.30
CA ASP B 192 8.11 -8.35 15.76
C ASP B 192 8.00 -9.17 14.49
N PRO B 193 7.33 -10.33 14.52
CA PRO B 193 7.19 -11.13 13.29
C PRO B 193 6.35 -10.47 12.21
N THR B 194 5.64 -9.39 12.54
CA THR B 194 4.85 -8.65 11.56
C THR B 194 5.65 -7.56 10.85
N SER B 195 6.95 -7.43 11.18
CA SER B 195 7.80 -6.39 10.59
C SER B 195 9.19 -6.99 10.31
N VAL B 196 9.26 -7.86 9.29
CA VAL B 196 10.49 -8.56 8.95
C VAL B 196 11.00 -8.01 7.63
N THR B 197 12.24 -7.52 7.65
CA THR B 197 12.89 -6.98 6.46
C THR B 197 14.02 -7.90 6.04
N LEU B 198 13.96 -8.39 4.80
CA LEU B 198 15.04 -9.18 4.23
C LEU B 198 16.09 -8.26 3.62
N PHE B 199 17.35 -8.49 3.94
CA PHE B 199 18.44 -7.79 3.29
C PHE B 199 19.56 -8.76 2.98
N GLY B 200 20.16 -8.61 1.81
CA GLY B 200 21.22 -9.50 1.39
C GLY B 200 22.04 -8.85 0.29
N GLU B 201 23.23 -9.42 0.07
CA GLU B 201 24.18 -8.87 -0.89
C GLU B 201 24.58 -9.95 -1.88
N SER B 202 24.73 -9.55 -3.15
CA SER B 202 25.15 -10.41 -4.25
C SER B 202 24.19 -11.60 -4.33
N ALA B 203 24.66 -12.85 -4.22
CA ALA B 203 23.75 -13.99 -4.28
C ALA B 203 22.73 -13.98 -3.15
N GLY B 204 23.04 -13.30 -2.03
CA GLY B 204 22.03 -13.07 -1.02
C GLY B 204 20.94 -12.15 -1.51
N ALA B 205 21.31 -11.09 -2.24
CA ALA B 205 20.31 -10.22 -2.85
C ALA B 205 19.49 -10.97 -3.89
N ALA B 206 20.14 -11.83 -4.67
CA ALA B 206 19.41 -12.67 -5.62
C ALA B 206 18.45 -13.60 -4.89
N SER B 207 18.86 -14.12 -3.73
CA SER B 207 17.98 -14.97 -2.94
C SER B 207 16.79 -14.18 -2.40
N VAL B 208 17.03 -12.98 -1.90
CA VAL B 208 15.93 -12.11 -1.46
C VAL B 208 14.93 -11.92 -2.60
N GLY B 209 15.43 -11.60 -3.80
CA GLY B 209 14.54 -11.42 -4.93
C GLY B 209 13.73 -12.66 -5.25
N MET B 210 14.34 -13.84 -5.11
CA MET B 210 13.60 -15.07 -5.41
C MET B 210 12.53 -15.34 -4.36
N HIS B 211 12.76 -14.96 -3.11
CA HIS B 211 11.72 -15.07 -2.11
C HIS B 211 10.56 -14.12 -2.40
N LEU B 212 10.84 -12.97 -3.01
CA LEU B 212 9.78 -12.07 -3.44
C LEU B 212 8.91 -12.72 -4.51
N LEU B 213 9.51 -13.51 -5.39
CA LEU B 213 8.82 -14.08 -6.54
C LEU B 213 8.27 -15.47 -6.27
N SER B 214 8.37 -15.96 -5.03
CA SER B 214 7.88 -17.28 -4.66
C SER B 214 6.81 -17.12 -3.59
N PRO B 215 5.55 -17.45 -3.89
CA PRO B 215 4.44 -17.15 -2.97
C PRO B 215 4.61 -17.78 -1.60
N PRO B 216 5.06 -19.05 -1.48
CA PRO B 216 5.24 -19.61 -0.13
C PRO B 216 6.24 -18.86 0.75
N SER B 217 7.21 -18.15 0.17
CA SER B 217 8.11 -17.32 0.96
C SER B 217 7.63 -15.89 1.09
N ARG B 218 6.79 -15.42 0.16
CA ARG B 218 6.39 -14.02 0.14
C ARG B 218 5.66 -13.61 1.41
N GLY B 219 4.93 -14.54 2.02
CA GLY B 219 4.23 -14.23 3.25
C GLY B 219 5.04 -14.33 4.52
N LEU B 220 6.35 -14.50 4.44
CA LEU B 220 7.20 -14.63 5.62
C LEU B 220 7.99 -13.36 5.92
N PHE B 221 7.82 -12.31 5.12
CA PHE B 221 8.51 -11.05 5.34
C PHE B 221 7.66 -9.94 4.72
N HIS B 222 8.13 -8.70 4.87
CA HIS B 222 7.31 -7.56 4.47
C HIS B 222 8.06 -6.56 3.61
N ARG B 223 9.39 -6.48 3.77
CA ARG B 223 10.19 -5.55 3.00
C ARG B 223 11.50 -6.23 2.60
N ALA B 224 12.16 -5.68 1.59
CA ALA B 224 13.33 -6.32 1.00
C ALA B 224 14.40 -5.29 0.64
N VAL B 225 15.66 -5.68 0.84
CA VAL B 225 16.81 -4.88 0.43
C VAL B 225 17.71 -5.77 -0.43
N LEU B 226 17.99 -5.33 -1.65
CA LEU B 226 18.81 -6.08 -2.60
C LEU B 226 20.07 -5.27 -2.89
N GLN B 227 21.20 -5.73 -2.37
CA GLN B 227 22.48 -5.02 -2.53
C GLN B 227 23.33 -5.74 -3.57
N SER B 228 23.56 -5.07 -4.70
CA SER B 228 24.48 -5.58 -5.73
C SER B 228 24.14 -7.00 -6.16
N GLY B 229 22.85 -7.26 -6.33
CA GLY B 229 22.42 -8.56 -6.80
C GLY B 229 20.93 -8.52 -7.12
N ALA B 230 20.53 -9.45 -7.99
CA ALA B 230 19.15 -9.49 -8.43
C ALA B 230 18.84 -10.90 -8.91
N PRO B 231 17.60 -11.37 -8.76
CA PRO B 231 17.29 -12.75 -9.18
C PRO B 231 17.27 -12.93 -10.68
N ASN B 232 17.17 -11.85 -11.45
CA ASN B 232 17.19 -11.92 -12.91
C ASN B 232 18.59 -11.81 -13.50
N GLY B 233 19.63 -11.91 -12.67
CA GLY B 233 20.98 -11.93 -13.18
C GLY B 233 21.24 -13.13 -14.07
N PRO B 234 22.10 -12.96 -15.08
CA PRO B 234 22.47 -14.10 -15.94
C PRO B 234 23.20 -15.21 -15.19
N TRP B 235 23.65 -14.95 -13.96
CA TRP B 235 24.33 -15.94 -13.14
C TRP B 235 23.44 -16.54 -12.06
N ALA B 236 22.30 -15.92 -11.77
CA ALA B 236 21.53 -16.29 -10.58
C ALA B 236 20.74 -17.56 -10.75
N THR B 237 20.34 -17.90 -11.98
CA THR B 237 19.52 -19.08 -12.23
C THR B 237 20.13 -19.90 -13.36
N VAL B 238 19.61 -21.12 -13.50
CA VAL B 238 20.03 -22.02 -14.57
C VAL B 238 18.83 -22.83 -15.01
N GLY B 239 18.81 -23.21 -16.29
CA GLY B 239 17.71 -24.02 -16.79
C GLY B 239 17.80 -25.46 -16.35
N MET B 240 16.68 -26.17 -16.52
CA MET B 240 16.62 -27.57 -16.10
C MET B 240 17.61 -28.43 -16.89
N GLY B 241 17.71 -28.22 -18.20
CA GLY B 241 18.61 -29.03 -19.00
C GLY B 241 20.05 -28.86 -18.60
N GLU B 242 20.51 -27.61 -18.45
CA GLU B 242 21.89 -27.36 -18.07
C GLU B 242 22.17 -27.81 -16.63
N ALA B 243 21.18 -27.69 -15.73
CA ALA B 243 21.37 -28.16 -14.37
C ALA B 243 21.58 -29.67 -14.34
N ARG B 244 20.84 -30.41 -15.16
CA ARG B 244 21.02 -31.85 -15.23
C ARG B 244 22.38 -32.20 -15.83
N ARG B 245 22.84 -31.44 -16.83
CA ARG B 245 24.13 -31.71 -17.41
C ARG B 245 25.26 -31.45 -16.41
N ARG B 246 25.19 -30.33 -15.69
CA ARG B 246 26.23 -30.01 -14.71
C ARG B 246 26.27 -31.05 -13.60
N ALA B 247 25.09 -31.49 -13.13
CA ALA B 247 25.06 -32.51 -12.09
C ALA B 247 25.59 -33.85 -12.62
N THR B 248 25.28 -34.17 -13.88
CA THR B 248 25.73 -35.43 -14.46
C THR B 248 27.25 -35.46 -14.63
N GLN B 249 27.83 -34.33 -15.07
CA GLN B 249 29.28 -34.31 -15.23
C GLN B 249 30.00 -34.34 -13.88
N LEU B 250 29.39 -33.77 -12.84
CA LEU B 250 29.99 -33.83 -11.51
C LEU B 250 30.10 -35.28 -11.04
N ALA B 251 29.05 -36.07 -11.25
CA ALA B 251 29.09 -37.49 -10.88
C ALA B 251 30.19 -38.22 -11.64
N HIS B 252 30.35 -37.92 -12.93
CA HIS B 252 31.40 -38.55 -13.72
C HIS B 252 32.78 -38.15 -13.21
N LEU B 253 32.94 -36.88 -12.83
CA LEU B 253 34.24 -36.39 -12.37
C LEU B 253 34.67 -36.99 -11.04
N VAL B 254 33.72 -37.50 -10.24
CA VAL B 254 34.02 -38.08 -8.94
C VAL B 254 33.91 -39.59 -8.95
N GLY B 255 33.77 -40.20 -10.14
CA GLY B 255 33.79 -41.64 -10.25
C GLY B 255 32.46 -42.34 -10.06
N CYS B 256 31.36 -41.68 -10.38
CA CYS B 256 30.06 -42.30 -10.17
C CYS B 256 29.29 -42.42 -11.49
N PRO B 257 28.49 -43.48 -11.66
CA PRO B 257 27.79 -43.81 -12.91
C PRO B 257 27.08 -42.63 -13.57
N ASN B 264 20.27 -43.36 -14.62
CA ASN B 264 19.20 -43.36 -13.63
C ASN B 264 19.52 -42.44 -12.47
N ASP B 265 18.57 -41.56 -12.14
CA ASP B 265 18.82 -40.53 -11.12
C ASP B 265 19.00 -41.16 -9.74
N THR B 266 18.25 -42.22 -9.43
CA THR B 266 18.33 -42.82 -8.11
C THR B 266 19.73 -43.39 -7.85
N GLU B 267 20.23 -44.23 -8.76
CA GLU B 267 21.56 -44.80 -8.59
C GLU B 267 22.65 -43.73 -8.59
N LEU B 268 22.39 -42.58 -9.22
CA LEU B 268 23.41 -41.55 -9.35
C LEU B 268 23.55 -40.75 -8.06
N VAL B 269 22.43 -40.29 -7.49
CA VAL B 269 22.49 -39.54 -6.24
C VAL B 269 23.00 -40.42 -5.12
N ALA B 270 22.63 -41.71 -5.14
CA ALA B 270 23.11 -42.64 -4.13
C ALA B 270 24.63 -42.72 -4.13
N CYS B 271 25.24 -42.75 -5.32
CA CYS B 271 26.70 -42.78 -5.40
C CYS B 271 27.30 -41.45 -4.97
N LEU B 272 26.66 -40.33 -5.35
CA LEU B 272 27.14 -39.03 -4.88
C LEU B 272 27.06 -38.92 -3.37
N ARG B 273 26.08 -39.54 -2.74
CA ARG B 273 25.94 -39.50 -1.30
C ARG B 273 27.03 -40.30 -0.58
N THR B 274 27.74 -41.18 -1.29
CA THR B 274 28.85 -41.91 -0.67
C THR B 274 30.15 -41.11 -0.70
N ARG B 275 30.21 -40.03 -1.46
CA ARG B 275 31.45 -39.29 -1.61
C ARG B 275 31.62 -38.29 -0.46
N PRO B 276 32.82 -38.17 0.10
CA PRO B 276 33.07 -37.14 1.10
C PRO B 276 32.77 -35.76 0.55
N ALA B 277 32.36 -34.86 1.43
CA ALA B 277 31.94 -33.52 1.01
C ALA B 277 33.06 -32.79 0.27
N GLN B 278 34.30 -32.93 0.74
CA GLN B 278 35.41 -32.23 0.13
C GLN B 278 35.65 -32.67 -1.31
N VAL B 279 35.26 -33.90 -1.65
CA VAL B 279 35.45 -34.39 -3.02
C VAL B 279 34.56 -33.63 -3.99
N LEU B 280 33.29 -33.43 -3.62
CA LEU B 280 32.39 -32.67 -4.48
C LEU B 280 32.87 -31.24 -4.65
N VAL B 281 33.38 -30.64 -3.57
CA VAL B 281 33.90 -29.28 -3.64
C VAL B 281 35.06 -29.19 -4.63
N ASN B 282 35.92 -30.21 -4.64
CA ASN B 282 37.13 -30.15 -5.46
C ASN B 282 36.83 -30.16 -6.96
N HIS B 283 35.66 -30.64 -7.37
CA HIS B 283 35.32 -30.78 -8.77
C HIS B 283 34.19 -29.87 -9.22
N GLU B 284 33.65 -29.03 -8.34
CA GLU B 284 32.40 -28.34 -8.66
C GLU B 284 32.59 -27.36 -9.82
N TRP B 285 33.79 -26.82 -10.00
CA TRP B 285 34.00 -25.77 -11.00
C TRP B 285 34.41 -26.31 -12.37
N HIS B 286 34.70 -27.61 -12.47
CA HIS B 286 35.04 -28.20 -13.76
C HIS B 286 33.80 -28.60 -14.57
N VAL B 287 32.60 -28.33 -14.05
CA VAL B 287 31.37 -28.58 -14.80
C VAL B 287 30.88 -27.34 -15.53
N LEU B 288 31.53 -26.19 -15.34
CA LEU B 288 31.15 -25.00 -16.09
C LEU B 288 31.48 -25.19 -17.56
N PRO B 289 30.60 -24.72 -18.46
CA PRO B 289 30.80 -25.01 -19.89
C PRO B 289 32.04 -24.36 -20.50
N GLN B 290 32.50 -23.23 -19.96
CA GLN B 290 33.65 -22.55 -20.52
C GLN B 290 34.35 -21.75 -19.43
N GLU B 291 35.56 -21.29 -19.75
CA GLU B 291 36.29 -20.39 -18.87
C GLU B 291 35.56 -19.05 -18.79
N SER B 292 35.33 -18.57 -17.58
CA SER B 292 34.50 -17.38 -17.40
C SER B 292 34.76 -16.74 -16.05
N VAL B 293 34.16 -15.57 -15.85
CA VAL B 293 34.09 -14.92 -14.55
C VAL B 293 32.62 -14.63 -14.26
N PHE B 294 32.32 -14.52 -12.96
CA PHE B 294 30.95 -14.31 -12.48
C PHE B 294 29.98 -15.36 -13.03
N ARG B 295 30.42 -16.62 -13.04
CA ARG B 295 29.60 -17.75 -13.43
C ARG B 295 29.80 -18.85 -12.41
N PHE B 296 28.71 -19.46 -11.94
CA PHE B 296 28.76 -20.39 -10.83
C PHE B 296 28.05 -21.68 -11.19
N SER B 297 28.62 -22.80 -10.73
CA SER B 297 28.21 -24.11 -11.23
C SER B 297 26.81 -24.49 -10.76
N PHE B 298 26.57 -24.40 -9.46
CA PHE B 298 25.32 -24.87 -8.87
C PHE B 298 24.59 -23.69 -8.24
N VAL B 299 23.54 -23.24 -8.94
CA VAL B 299 22.77 -22.06 -8.58
C VAL B 299 21.29 -22.45 -8.61
N PRO B 300 20.37 -21.59 -8.17
CA PRO B 300 18.94 -21.94 -8.24
C PRO B 300 18.52 -22.33 -9.66
N VAL B 301 17.63 -23.31 -9.73
CA VAL B 301 17.14 -23.84 -11.00
C VAL B 301 15.68 -23.44 -11.16
N VAL B 302 15.27 -23.12 -12.39
CA VAL B 302 13.89 -22.81 -12.71
C VAL B 302 13.22 -24.10 -13.16
N ASP B 303 12.41 -24.68 -12.27
CA ASP B 303 11.77 -25.96 -12.54
C ASP B 303 10.27 -25.96 -12.29
N GLY B 304 9.65 -24.78 -12.16
CA GLY B 304 8.22 -24.68 -11.98
C GLY B 304 7.75 -24.77 -10.55
N ASP B 305 8.62 -25.09 -9.60
CA ASP B 305 8.20 -25.25 -8.21
C ASP B 305 8.49 -24.00 -7.38
N PHE B 306 9.72 -23.89 -6.88
CA PHE B 306 10.10 -22.67 -6.17
C PHE B 306 9.91 -21.44 -7.04
N LEU B 307 10.29 -21.54 -8.31
CA LEU B 307 10.04 -20.51 -9.31
C LEU B 307 9.18 -21.13 -10.41
N SER B 308 7.92 -20.71 -10.48
CA SER B 308 7.03 -21.23 -11.50
C SER B 308 7.42 -20.79 -12.90
N ASP B 309 8.28 -19.79 -13.00
CA ASP B 309 8.79 -19.30 -14.29
C ASP B 309 10.13 -18.63 -14.02
N THR B 310 10.75 -18.12 -15.08
CA THR B 310 12.00 -17.41 -14.92
C THR B 310 11.77 -16.16 -14.09
N PRO B 311 12.75 -15.75 -13.28
CA PRO B 311 12.56 -14.54 -12.46
C PRO B 311 12.20 -13.31 -13.28
N GLU B 312 12.77 -13.17 -14.48
CA GLU B 312 12.46 -12.01 -15.31
C GLU B 312 11.00 -12.06 -15.78
N ALA B 313 10.49 -13.26 -16.07
CA ALA B 313 9.08 -13.37 -16.44
C ALA B 313 8.18 -13.08 -15.25
N LEU B 314 8.51 -13.62 -14.08
CA LEU B 314 7.71 -13.34 -12.88
C LEU B 314 7.77 -11.87 -12.50
N ILE B 315 8.89 -11.20 -12.78
CA ILE B 315 9.00 -9.77 -12.49
C ILE B 315 8.05 -8.98 -13.37
N ASN B 316 8.01 -9.30 -14.66
CA ASN B 316 7.20 -8.52 -15.60
C ASN B 316 5.71 -8.69 -15.35
N ALA B 317 5.28 -9.85 -14.86
CA ALA B 317 3.87 -10.17 -14.69
C ALA B 317 3.35 -9.90 -13.29
N GLY B 318 4.18 -9.38 -12.40
CA GLY B 318 3.81 -9.27 -11.00
C GLY B 318 3.13 -7.96 -10.66
N ASP B 319 2.20 -8.03 -9.70
CA ASP B 319 1.58 -6.87 -9.07
C ASP B 319 2.36 -6.61 -7.78
N PHE B 320 3.09 -5.50 -7.74
CA PHE B 320 3.97 -5.20 -6.62
C PHE B 320 3.50 -4.00 -5.80
N HIS B 321 2.21 -3.68 -5.86
CA HIS B 321 1.65 -2.67 -4.97
C HIS B 321 1.73 -3.14 -3.53
N GLY B 322 2.06 -2.21 -2.62
CA GLY B 322 2.25 -2.56 -1.23
C GLY B 322 3.63 -3.08 -0.89
N LEU B 323 4.56 -3.03 -1.83
CA LEU B 323 5.93 -3.50 -1.61
C LEU B 323 6.89 -2.32 -1.65
N GLN B 324 7.84 -2.31 -0.71
CA GLN B 324 8.92 -1.34 -0.69
C GLN B 324 10.25 -2.08 -0.74
N VAL B 325 11.12 -1.68 -1.67
CA VAL B 325 12.42 -2.31 -1.84
C VAL B 325 13.50 -1.25 -1.80
N LEU B 326 14.66 -1.64 -1.27
CA LEU B 326 15.86 -0.82 -1.30
C LEU B 326 16.91 -1.58 -2.11
N VAL B 327 17.31 -1.00 -3.25
CA VAL B 327 18.26 -1.65 -4.15
C VAL B 327 19.43 -0.70 -4.39
N GLY B 328 20.58 -1.28 -4.70
CA GLY B 328 21.74 -0.46 -4.99
C GLY B 328 22.92 -1.30 -5.46
N VAL B 329 23.98 -0.59 -5.82
CA VAL B 329 25.22 -1.17 -6.35
C VAL B 329 26.38 -0.36 -5.81
N VAL B 330 27.58 -0.92 -5.94
CA VAL B 330 28.79 -0.15 -5.64
C VAL B 330 29.31 0.48 -6.93
N LYS B 331 30.31 1.35 -6.81
CA LYS B 331 30.78 2.12 -7.95
C LYS B 331 31.44 1.25 -9.02
N ASP B 332 32.12 0.17 -8.62
CA ASP B 332 32.88 -0.68 -9.55
C ASP B 332 32.54 -2.14 -9.30
N GLU B 333 31.40 -2.58 -9.84
CA GLU B 333 30.89 -3.92 -9.56
C GLU B 333 31.76 -5.02 -10.16
N GLY B 334 32.42 -4.75 -11.29
CA GLY B 334 33.11 -5.81 -12.00
C GLY B 334 34.59 -5.96 -11.75
N SER B 335 35.23 -4.89 -11.25
CA SER B 335 36.69 -4.86 -11.15
C SER B 335 37.21 -6.05 -10.34
N TYR B 336 36.47 -6.47 -9.33
CA TYR B 336 36.92 -7.57 -8.47
C TYR B 336 37.06 -8.87 -9.25
N PHE B 337 36.09 -9.17 -10.11
CA PHE B 337 36.05 -10.45 -10.79
C PHE B 337 37.11 -10.60 -11.89
N LEU B 338 37.73 -9.49 -12.32
CA LEU B 338 38.63 -9.56 -13.47
C LEU B 338 39.92 -10.32 -13.14
N VAL B 339 40.33 -10.35 -11.87
CA VAL B 339 41.59 -10.97 -11.50
C VAL B 339 41.41 -12.47 -11.30
N TYR B 340 40.24 -13.00 -11.65
CA TYR B 340 39.98 -14.43 -11.55
C TYR B 340 39.78 -15.10 -12.90
N GLY B 341 40.31 -14.52 -13.98
CA GLY B 341 40.24 -15.18 -15.27
C GLY B 341 40.40 -14.27 -16.47
N ALA B 342 40.29 -12.96 -16.28
CA ALA B 342 40.46 -12.05 -17.41
C ALA B 342 41.94 -11.90 -17.73
N PRO B 343 42.35 -12.11 -18.97
CA PRO B 343 43.78 -12.08 -19.31
C PRO B 343 44.38 -10.69 -19.14
N GLY B 344 45.50 -10.62 -18.44
CA GLY B 344 46.21 -9.38 -18.22
C GLY B 344 45.90 -8.67 -16.92
N PHE B 345 45.01 -9.22 -16.10
CA PHE B 345 44.58 -8.56 -14.88
C PHE B 345 45.25 -9.18 -13.65
N SER B 346 45.58 -8.34 -12.68
CA SER B 346 46.10 -8.78 -11.40
C SER B 346 45.94 -7.64 -10.40
N LYS B 347 45.80 -8.00 -9.12
CA LYS B 347 45.72 -6.98 -8.09
C LYS B 347 47.07 -6.34 -7.82
N ASP B 348 48.16 -6.96 -8.25
CA ASP B 348 49.49 -6.52 -7.90
C ASP B 348 50.13 -5.60 -8.95
N ASN B 349 49.46 -5.35 -10.06
CA ASN B 349 49.93 -4.34 -11.01
C ASN B 349 48.74 -3.53 -11.50
N GLU B 350 49.03 -2.58 -12.39
CA GLU B 350 48.01 -1.63 -12.84
C GLU B 350 47.00 -2.24 -13.80
N SER B 351 47.27 -3.45 -14.32
CA SER B 351 46.35 -4.14 -15.22
C SER B 351 46.00 -3.29 -16.43
N LEU B 352 47.00 -2.63 -17.01
CA LEU B 352 46.80 -1.86 -18.24
C LEU B 352 46.86 -2.82 -19.41
N ILE B 353 45.70 -3.36 -19.78
CA ILE B 353 45.60 -4.42 -20.77
C ILE B 353 45.66 -3.85 -22.17
N SER B 354 45.87 -4.73 -23.16
CA SER B 354 45.90 -4.34 -24.56
C SER B 354 44.54 -4.59 -25.21
N ARG B 355 44.42 -4.11 -26.44
CA ARG B 355 43.18 -4.33 -27.20
C ARG B 355 42.90 -5.82 -27.36
N ALA B 356 43.94 -6.60 -27.65
CA ALA B 356 43.75 -8.05 -27.82
C ALA B 356 43.27 -8.70 -26.53
N GLU B 357 43.86 -8.33 -25.39
CA GLU B 357 43.40 -8.86 -24.11
C GLU B 357 41.98 -8.41 -23.79
N PHE B 358 41.64 -7.17 -24.14
CA PHE B 358 40.28 -6.68 -23.95
C PHE B 358 39.29 -7.52 -24.74
N LEU B 359 39.57 -7.77 -26.03
CA LEU B 359 38.68 -8.59 -26.84
C LEU B 359 38.57 -10.00 -26.29
N ALA B 360 39.69 -10.56 -25.81
CA ALA B 360 39.64 -11.89 -25.21
C ALA B 360 38.88 -11.88 -23.90
N GLY B 361 39.04 -10.82 -23.10
CA GLY B 361 38.32 -10.72 -21.84
C GLY B 361 36.82 -10.57 -22.01
N VAL B 362 36.37 -10.08 -23.16
CA VAL B 362 34.93 -9.94 -23.39
C VAL B 362 34.27 -11.31 -23.48
N ARG B 363 34.92 -12.26 -24.13
CA ARG B 363 34.37 -13.62 -24.21
C ARG B 363 34.37 -14.30 -22.85
N VAL B 364 35.34 -13.98 -21.98
CA VAL B 364 35.34 -14.54 -20.63
C VAL B 364 34.31 -13.82 -19.77
N GLY B 365 34.21 -12.50 -19.92
CA GLY B 365 33.24 -11.73 -19.14
C GLY B 365 31.81 -11.88 -19.62
N VAL B 366 31.61 -12.18 -20.90
CA VAL B 366 30.27 -12.43 -21.43
C VAL B 366 30.25 -13.84 -22.02
N PRO B 367 30.26 -14.88 -21.20
CA PRO B 367 30.42 -16.25 -21.70
C PRO B 367 29.14 -16.78 -22.32
N GLN B 368 29.32 -17.76 -23.22
CA GLN B 368 28.23 -18.55 -23.77
C GLN B 368 27.25 -17.72 -24.61
N VAL B 369 27.79 -16.80 -25.41
CA VAL B 369 26.98 -16.04 -26.36
C VAL B 369 27.64 -16.10 -27.72
N SER B 370 26.84 -15.84 -28.75
CA SER B 370 27.30 -15.91 -30.12
C SER B 370 28.37 -14.86 -30.41
N ASP B 371 29.12 -15.08 -31.49
CA ASP B 371 30.13 -14.11 -31.91
C ASP B 371 29.49 -12.76 -32.21
N LEU B 372 28.29 -12.77 -32.79
CA LEU B 372 27.60 -11.52 -33.08
C LEU B 372 27.28 -10.76 -31.79
N ALA B 373 26.78 -11.47 -30.76
CA ALA B 373 26.51 -10.82 -29.48
C ALA B 373 27.78 -10.22 -28.89
N ALA B 374 28.91 -10.92 -29.02
CA ALA B 374 30.16 -10.39 -28.51
C ALA B 374 30.59 -9.14 -29.27
N GLU B 375 30.41 -9.13 -30.59
CA GLU B 375 30.76 -7.94 -31.37
C GLU B 375 29.91 -6.74 -30.96
N ALA B 376 28.64 -6.98 -30.64
CA ALA B 376 27.78 -5.90 -30.15
C ALA B 376 28.30 -5.34 -28.83
N VAL B 377 28.82 -6.20 -27.96
CA VAL B 377 29.41 -5.73 -26.71
C VAL B 377 30.62 -4.84 -26.99
N VAL B 378 31.51 -5.32 -27.86
CA VAL B 378 32.71 -4.57 -28.20
C VAL B 378 32.36 -3.22 -28.78
N LEU B 379 31.30 -3.16 -29.60
CA LEU B 379 30.89 -1.91 -30.21
C LEU B 379 30.48 -0.89 -29.16
N HIS B 380 29.69 -1.31 -28.18
CA HIS B 380 29.14 -0.38 -27.20
CA HIS B 380 29.15 -0.36 -27.22
C HIS B 380 30.19 0.07 -26.19
N TYR B 381 31.16 -0.79 -25.88
CA TYR B 381 32.14 -0.49 -24.83
C TYR B 381 33.48 -0.06 -25.39
N THR B 382 33.58 0.18 -26.69
CA THR B 382 34.79 0.74 -27.29
C THR B 382 34.60 2.23 -27.50
N ASP B 383 35.57 3.02 -27.05
CA ASP B 383 35.67 4.43 -27.45
C ASP B 383 36.42 4.46 -28.77
N TRP B 384 35.70 4.66 -29.88
CA TRP B 384 36.32 4.59 -31.19
C TRP B 384 37.16 5.80 -31.53
N LEU B 385 37.27 6.77 -30.62
CA LEU B 385 38.31 7.79 -30.71
C LEU B 385 39.60 7.37 -30.02
N HIS B 386 39.52 6.45 -29.06
CA HIS B 386 40.69 5.91 -28.35
C HIS B 386 40.52 4.40 -28.23
N PRO B 387 40.53 3.68 -29.36
CA PRO B 387 40.16 2.25 -29.32
C PRO B 387 41.17 1.36 -28.64
N GLU B 388 42.41 1.81 -28.44
CA GLU B 388 43.46 0.96 -27.89
C GLU B 388 44.07 1.52 -26.62
N ASP B 389 43.46 2.51 -25.99
CA ASP B 389 44.01 3.10 -24.77
C ASP B 389 43.93 2.11 -23.62
N PRO B 390 45.05 1.67 -23.05
CA PRO B 390 44.99 0.62 -22.01
C PRO B 390 44.14 0.99 -20.80
N ALA B 391 44.26 2.22 -20.30
CA ALA B 391 43.47 2.62 -19.13
C ALA B 391 41.98 2.61 -19.44
N ARG B 392 41.59 3.02 -20.65
CA ARG B 392 40.18 3.00 -21.02
C ARG B 392 39.68 1.57 -21.21
N LEU B 393 40.55 0.67 -21.68
CA LEU B 393 40.14 -0.71 -21.89
C LEU B 393 39.96 -1.45 -20.57
N ARG B 394 40.87 -1.24 -19.62
CA ARG B 394 40.71 -1.81 -18.29
C ARG B 394 39.40 -1.34 -17.67
N GLU B 395 39.14 -0.03 -17.75
CA GLU B 395 37.89 0.53 -17.26
C GLU B 395 36.68 -0.07 -17.98
N ALA B 396 36.81 -0.29 -19.29
CA ALA B 396 35.66 -0.73 -20.07
C ALA B 396 35.28 -2.17 -19.75
N LEU B 397 36.28 -3.06 -19.69
CA LEU B 397 35.99 -4.45 -19.37
C LEU B 397 35.41 -4.59 -17.96
N SER B 398 35.85 -3.74 -17.03
CA SER B 398 35.24 -3.74 -15.70
C SER B 398 33.77 -3.34 -15.79
N ASP B 399 33.45 -2.37 -16.66
CA ASP B 399 32.05 -1.99 -16.86
C ASP B 399 31.26 -3.10 -17.54
N VAL B 400 31.90 -3.83 -18.46
CA VAL B 400 31.21 -4.94 -19.13
C VAL B 400 30.75 -5.96 -18.09
N VAL B 401 31.68 -6.44 -17.27
CA VAL B 401 31.34 -7.44 -16.26
C VAL B 401 30.34 -6.88 -15.25
N GLY B 402 30.55 -5.61 -14.84
CA GLY B 402 29.69 -5.02 -13.83
C GLY B 402 28.28 -4.74 -14.31
N ASP B 403 28.13 -4.19 -15.52
CA ASP B 403 26.81 -3.88 -16.04
C ASP B 403 26.02 -5.15 -16.34
N HIS B 404 26.68 -6.11 -17.00
CA HIS B 404 26.00 -7.32 -17.44
C HIS B 404 25.55 -8.18 -16.27
N ASN B 405 26.33 -8.21 -15.19
CA ASN B 405 26.04 -9.12 -14.09
C ASN B 405 25.26 -8.49 -12.94
N VAL B 406 25.46 -7.19 -12.67
CA VAL B 406 24.88 -6.59 -11.47
C VAL B 406 24.05 -5.35 -11.80
N VAL B 407 24.69 -4.34 -12.39
CA VAL B 407 24.08 -3.02 -12.49
C VAL B 407 22.79 -3.07 -13.32
N CYS B 408 22.85 -3.68 -14.49
CA CYS B 408 21.68 -3.66 -15.37
C CYS B 408 20.60 -4.66 -14.95
N PRO B 409 20.95 -5.83 -14.39
CA PRO B 409 19.89 -6.63 -13.76
C PRO B 409 19.20 -5.91 -12.62
N VAL B 410 19.97 -5.15 -11.81
CA VAL B 410 19.35 -4.38 -10.73
C VAL B 410 18.51 -3.25 -11.29
N ALA B 411 19.01 -2.56 -12.32
CA ALA B 411 18.24 -1.48 -12.93
C ALA B 411 16.94 -2.00 -13.53
N GLN B 412 16.98 -3.19 -14.13
CA GLN B 412 15.78 -3.76 -14.72
C GLN B 412 14.76 -4.11 -13.65
N LEU B 413 15.21 -4.76 -12.57
CA LEU B 413 14.30 -5.10 -11.49
C LEU B 413 13.68 -3.86 -10.88
N ALA B 414 14.50 -2.83 -10.63
CA ALA B 414 14.00 -1.61 -10.02
C ALA B 414 12.95 -0.93 -10.90
N GLY B 415 13.21 -0.86 -12.21
CA GLY B 415 12.28 -0.20 -13.10
C GLY B 415 10.95 -0.93 -13.21
N ARG B 416 11.00 -2.26 -13.26
CA ARG B 416 9.76 -3.03 -13.39
C ARG B 416 8.95 -3.00 -12.10
N LEU B 417 9.62 -3.12 -10.95
CA LEU B 417 8.91 -3.06 -9.67
C LEU B 417 8.24 -1.70 -9.49
N ALA B 418 8.98 -0.62 -9.75
CA ALA B 418 8.45 0.73 -9.58
C ALA B 418 7.26 0.97 -10.49
N ALA B 419 7.37 0.58 -11.76
CA ALA B 419 6.29 0.78 -12.71
C ALA B 419 5.08 -0.12 -12.46
N GLN B 420 5.19 -1.06 -11.52
CA GLN B 420 4.12 -2.01 -11.25
C GLN B 420 3.68 -1.98 -9.78
N GLY B 421 3.80 -0.82 -9.14
CA GLY B 421 3.18 -0.57 -7.85
C GLY B 421 4.11 -0.50 -6.67
N ALA B 422 5.37 -0.90 -6.82
CA ALA B 422 6.30 -0.89 -5.70
C ALA B 422 6.94 0.48 -5.55
N ARG B 423 7.21 0.85 -4.30
CA ARG B 423 8.01 2.04 -4.00
C ARG B 423 9.47 1.61 -3.87
N VAL B 424 10.33 2.13 -4.73
CA VAL B 424 11.71 1.68 -4.86
C VAL B 424 12.64 2.83 -4.49
N TYR B 425 13.67 2.52 -3.71
CA TYR B 425 14.75 3.46 -3.39
C TYR B 425 16.05 2.87 -3.90
N ALA B 426 16.81 3.65 -4.68
CA ALA B 426 18.03 3.19 -5.31
C ALA B 426 19.22 4.02 -4.86
N TYR B 427 20.40 3.40 -4.85
CA TYR B 427 21.61 4.07 -4.41
C TYR B 427 22.80 3.54 -5.20
N VAL B 428 23.88 4.32 -5.20
CA VAL B 428 25.19 3.88 -5.65
C VAL B 428 26.18 4.18 -4.55
N PHE B 429 26.89 3.15 -4.09
CA PHE B 429 27.86 3.27 -3.01
C PHE B 429 29.21 3.65 -3.61
N GLU B 430 29.68 4.86 -3.33
CA GLU B 430 30.84 5.42 -4.01
C GLU B 430 32.02 5.68 -3.08
N HIS B 431 31.95 5.28 -1.82
CA HIS B 431 33.03 5.53 -0.89
C HIS B 431 33.99 4.34 -0.87
N ARG B 432 35.27 4.63 -1.08
CA ARG B 432 36.33 3.63 -0.96
C ARG B 432 36.88 3.69 0.46
N ALA B 433 36.82 2.56 1.17
CA ALA B 433 37.26 2.53 2.55
C ALA B 433 38.75 2.81 2.65
N SER B 434 39.15 3.61 3.64
CA SER B 434 40.55 3.90 3.86
C SER B 434 41.36 2.65 4.20
N THR B 435 40.71 1.61 4.71
CA THR B 435 41.36 0.37 5.07
C THR B 435 41.39 -0.64 3.93
N LEU B 436 40.86 -0.28 2.76
CA LEU B 436 40.76 -1.24 1.66
C LEU B 436 42.13 -1.69 1.21
N SER B 437 42.33 -3.00 1.15
CA SER B 437 43.60 -3.58 0.75
C SER B 437 43.72 -3.83 -0.75
N TRP B 438 42.62 -3.73 -1.49
CA TRP B 438 42.67 -3.93 -2.93
C TRP B 438 43.33 -2.73 -3.61
N PRO B 439 43.95 -2.93 -4.78
CA PRO B 439 44.61 -1.81 -5.46
C PRO B 439 43.64 -0.69 -5.79
N LEU B 440 44.20 0.51 -5.98
CA LEU B 440 43.40 1.70 -6.19
C LEU B 440 42.64 1.67 -7.51
N TRP B 441 43.11 0.92 -8.51
CA TRP B 441 42.43 0.89 -9.79
C TRP B 441 41.11 0.13 -9.74
N MET B 442 40.86 -0.64 -8.69
CA MET B 442 39.60 -1.36 -8.55
C MET B 442 38.48 -0.49 -7.98
N GLY B 443 38.80 0.71 -7.50
CA GLY B 443 37.75 1.61 -7.04
C GLY B 443 37.05 1.07 -5.82
N VAL B 444 35.72 1.04 -5.87
CA VAL B 444 34.92 0.45 -4.80
C VAL B 444 34.42 -0.90 -5.29
N PRO B 445 35.08 -1.99 -4.90
CA PRO B 445 34.78 -3.30 -5.49
C PRO B 445 33.52 -3.92 -4.90
N HIS B 446 33.12 -5.03 -5.53
CA HIS B 446 31.95 -5.79 -5.14
C HIS B 446 32.03 -6.24 -3.68
N GLY B 447 31.03 -5.87 -2.88
CA GLY B 447 30.91 -6.34 -1.52
C GLY B 447 31.43 -5.40 -0.46
N TYR B 448 32.12 -4.32 -0.83
CA TYR B 448 32.77 -3.45 0.13
C TYR B 448 31.92 -2.27 0.56
N GLU B 449 30.59 -2.42 0.51
CA GLU B 449 29.68 -1.56 1.24
C GLU B 449 29.11 -2.23 2.49
N ILE B 450 29.28 -3.55 2.61
CA ILE B 450 28.64 -4.30 3.70
C ILE B 450 29.18 -3.86 5.05
N GLU B 451 30.51 -3.73 5.16
CA GLU B 451 31.11 -3.37 6.43
C GLU B 451 30.59 -2.05 6.97
N PHE B 452 30.18 -1.14 6.08
CA PHE B 452 29.63 0.13 6.53
C PHE B 452 28.17 -0.01 6.98
N ILE B 453 27.40 -0.88 6.32
CA ILE B 453 26.00 -1.06 6.73
C ILE B 453 25.92 -1.78 8.06
N PHE B 454 26.85 -2.70 8.32
CA PHE B 454 26.89 -3.38 9.62
C PHE B 454 27.62 -2.57 10.67
N GLY B 455 28.08 -1.36 10.35
CA GLY B 455 28.70 -0.50 11.34
C GLY B 455 30.04 -0.99 11.87
N ILE B 456 30.75 -1.79 11.09
CA ILE B 456 32.09 -2.28 11.46
C ILE B 456 33.03 -1.12 11.79
N PRO B 457 33.00 0.02 11.07
CA PRO B 457 33.87 1.15 11.46
C PRO B 457 33.72 1.59 12.92
N LEU B 458 32.61 1.26 13.57
CA LEU B 458 32.46 1.62 14.99
C LEU B 458 33.37 0.79 15.88
N ASP B 459 33.88 -0.33 15.41
CA ASP B 459 34.83 -1.15 16.16
C ASP B 459 36.10 -0.35 16.43
N PRO B 460 36.41 -0.04 17.69
CA PRO B 460 37.63 0.76 17.97
C PRO B 460 38.91 0.03 17.63
N SER B 461 38.89 -1.30 17.59
CA SER B 461 40.04 -2.11 17.23
C SER B 461 40.43 -2.00 15.75
N ARG B 462 39.76 -1.15 14.98
CA ARG B 462 40.03 -0.98 13.56
C ARG B 462 40.38 0.49 13.29
N ASN B 463 40.93 0.76 12.09
CA ASN B 463 41.54 2.05 11.81
C ASN B 463 40.70 2.90 10.85
N TYR B 464 39.38 2.84 10.96
CA TYR B 464 38.54 3.74 10.19
C TYR B 464 38.63 5.16 10.73
N THR B 465 38.33 6.13 9.88
CA THR B 465 38.41 7.53 10.28
C THR B 465 37.17 7.94 11.07
N ALA B 466 37.24 9.13 11.67
CA ALA B 466 36.09 9.66 12.40
C ALA B 466 34.92 9.94 11.46
N GLU B 467 35.21 10.44 10.26
CA GLU B 467 34.15 10.68 9.29
C GLU B 467 33.56 9.39 8.75
N GLU B 468 34.38 8.34 8.64
CA GLU B 468 33.86 7.04 8.23
C GLU B 468 32.94 6.43 9.28
N LYS B 469 33.23 6.64 10.56
CA LYS B 469 32.31 6.21 11.62
C LYS B 469 30.99 6.94 11.52
N ILE B 470 31.02 8.26 11.32
CA ILE B 470 29.80 9.03 11.12
C ILE B 470 29.05 8.54 9.88
N PHE B 471 29.79 8.26 8.81
CA PHE B 471 29.19 7.73 7.59
C PHE B 471 28.49 6.40 7.85
N ALA B 472 29.14 5.50 8.59
CA ALA B 472 28.53 4.21 8.91
C ALA B 472 27.25 4.39 9.73
N GLN B 473 27.25 5.34 10.66
CA GLN B 473 26.06 5.58 11.46
C GLN B 473 24.92 6.12 10.60
N ARG B 474 25.24 6.94 9.61
CA ARG B 474 24.21 7.45 8.71
C ARG B 474 23.65 6.33 7.82
N LEU B 475 24.49 5.37 7.42
CA LEU B 475 24.01 4.27 6.60
C LEU B 475 23.15 3.31 7.40
N MET B 476 23.55 3.00 8.63
CA MET B 476 22.72 2.17 9.49
C MET B 476 21.37 2.82 9.75
N ARG B 477 21.35 4.15 9.85
CA ARG B 477 20.08 4.85 10.05
C ARG B 477 19.18 4.72 8.83
N TYR B 478 19.74 4.90 7.61
CA TYR B 478 18.97 4.70 6.39
C TYR B 478 18.34 3.31 6.36
N TRP B 479 19.17 2.28 6.55
CA TRP B 479 18.69 0.91 6.47
C TRP B 479 17.64 0.62 7.55
N ALA B 480 17.86 1.10 8.77
CA ALA B 480 16.91 0.83 9.85
C ALA B 480 15.62 1.63 9.66
N ASN B 481 15.72 2.87 9.19
CA ASN B 481 14.52 3.63 8.83
C ASN B 481 13.68 2.87 7.82
N PHE B 482 14.32 2.32 6.79
CA PHE B 482 13.60 1.55 5.77
C PHE B 482 12.96 0.32 6.39
N ALA B 483 13.67 -0.36 7.28
CA ALA B 483 13.10 -1.54 7.94
C ALA B 483 11.89 -1.17 8.79
N ARG B 484 11.89 0.01 9.40
CA ARG B 484 10.80 0.39 10.29
C ARG B 484 9.59 0.92 9.53
N THR B 485 9.81 1.69 8.47
CA THR B 485 8.72 2.41 7.81
C THR B 485 8.62 2.17 6.31
N GLY B 486 9.58 1.49 5.69
CA GLY B 486 9.62 1.42 4.25
C GLY B 486 10.16 2.66 3.58
N ASP B 487 10.70 3.60 4.35
CA ASP B 487 11.25 4.86 3.86
C ASP B 487 12.58 5.13 4.55
N PRO B 488 13.68 5.23 3.82
CA PRO B 488 14.98 5.49 4.46
C PRO B 488 15.14 6.91 4.97
N ASN B 489 14.28 7.84 4.58
CA ASN B 489 14.46 9.23 4.94
C ASN B 489 14.16 9.46 6.41
N GLU B 490 14.86 10.43 6.99
CA GLU B 490 14.65 10.77 8.40
C GLU B 490 13.43 11.67 8.55
N PRO B 491 12.39 11.24 9.26
CA PRO B 491 11.14 12.00 9.45
C PRO B 491 11.31 13.18 10.41
N ALA B 496 17.49 17.56 4.22
CA ALA B 496 18.58 16.69 4.62
C ALA B 496 19.76 16.65 3.63
N PRO B 497 19.50 16.56 2.31
CA PRO B 497 18.27 16.49 1.50
C PRO B 497 17.63 15.11 1.45
N GLN B 498 16.45 15.04 0.84
CA GLN B 498 15.66 13.82 0.87
C GLN B 498 16.13 12.82 -0.17
N TRP B 499 15.90 11.54 0.13
CA TRP B 499 16.17 10.45 -0.78
C TRP B 499 14.90 10.15 -1.56
N PRO B 500 14.81 10.52 -2.84
CA PRO B 500 13.56 10.34 -3.58
C PRO B 500 13.41 8.91 -4.08
N PRO B 501 12.18 8.47 -4.31
CA PRO B 501 11.98 7.12 -4.85
C PRO B 501 12.44 7.00 -6.29
N TYR B 502 12.83 5.78 -6.66
CA TYR B 502 13.23 5.49 -8.03
C TYR B 502 12.00 5.18 -8.87
N THR B 503 11.91 5.80 -10.05
CA THR B 503 10.80 5.59 -10.97
C THR B 503 11.35 5.21 -12.34
N ALA B 504 10.49 4.59 -13.16
CA ALA B 504 10.90 4.18 -14.49
C ALA B 504 11.24 5.38 -15.38
N GLY B 505 10.58 6.52 -15.16
CA GLY B 505 10.85 7.70 -15.96
C GLY B 505 12.02 8.53 -15.46
N ALA B 506 11.90 9.05 -14.23
CA ALA B 506 12.95 9.92 -13.70
C ALA B 506 14.23 9.14 -13.40
N GLN B 507 14.11 7.87 -13.00
CA GLN B 507 15.27 7.01 -12.74
C GLN B 507 16.22 7.62 -11.70
N GLN B 508 15.64 8.17 -10.63
CA GLN B 508 16.43 8.89 -9.65
C GLN B 508 17.02 7.95 -8.61
N TYR B 509 18.29 8.17 -8.27
CA TYR B 509 18.98 7.46 -7.22
C TYR B 509 19.89 8.43 -6.50
N VAL B 510 20.47 8.00 -5.39
CA VAL B 510 21.37 8.83 -4.61
C VAL B 510 22.75 8.19 -4.57
N SER B 511 23.77 9.02 -4.42
CA SER B 511 25.14 8.57 -4.22
C SER B 511 25.44 8.54 -2.73
N LEU B 512 26.05 7.45 -2.26
CA LEU B 512 26.36 7.24 -0.85
C LEU B 512 27.86 7.39 -0.66
N ASP B 513 28.28 8.48 -0.03
CA ASP B 513 29.68 8.69 0.32
C ASP B 513 29.75 9.66 1.50
N LEU B 514 30.94 10.18 1.76
CA LEU B 514 31.13 11.10 2.89
C LEU B 514 30.41 12.42 2.69
N ARG B 515 30.11 12.79 1.45
CA ARG B 515 29.36 14.01 1.18
C ARG B 515 27.88 13.77 1.45
N PRO B 516 27.10 14.84 1.63
CA PRO B 516 25.65 14.69 1.75
C PRO B 516 25.05 14.05 0.52
N LEU B 517 23.78 13.62 0.66
CA LEU B 517 23.10 12.92 -0.41
C LEU B 517 23.03 13.78 -1.67
N GLU B 518 23.38 13.18 -2.81
CA GLU B 518 23.31 13.83 -4.11
C GLU B 518 22.41 13.00 -5.01
N VAL B 519 21.34 13.60 -5.53
CA VAL B 519 20.40 12.90 -6.38
C VAL B 519 20.91 12.92 -7.81
N ARG B 520 20.88 11.77 -8.47
CA ARG B 520 21.28 11.62 -9.87
C ARG B 520 20.22 10.84 -10.62
N ARG B 521 20.35 10.82 -11.95
CA ARG B 521 19.40 10.16 -12.83
C ARG B 521 20.10 9.08 -13.63
N GLY B 522 19.42 7.95 -13.79
CA GLY B 522 19.90 6.88 -14.67
C GLY B 522 20.96 5.98 -14.07
N LEU B 523 20.62 4.70 -13.87
CA LEU B 523 21.59 3.69 -13.46
C LEU B 523 22.22 3.11 -14.73
N ARG B 524 23.19 3.86 -15.26
CA ARG B 524 23.84 3.49 -16.52
CA ARG B 524 23.84 3.52 -16.52
C ARG B 524 22.80 3.20 -17.59
N ALA B 525 21.94 4.19 -17.83
CA ALA B 525 20.78 3.99 -18.71
C ALA B 525 21.19 3.58 -20.12
N GLN B 526 22.24 4.19 -20.67
CA GLN B 526 22.66 3.84 -22.02
C GLN B 526 23.18 2.40 -22.09
N ALA B 527 24.04 2.02 -21.15
CA ALA B 527 24.58 0.67 -21.16
C ALA B 527 23.50 -0.36 -20.86
N CYS B 528 22.54 -0.02 -19.99
CA CYS B 528 21.53 -1.00 -19.61
C CYS B 528 20.43 -1.16 -20.64
N ALA B 529 20.18 -0.15 -21.48
CA ALA B 529 19.31 -0.37 -22.64
C ALA B 529 19.90 -1.44 -23.55
N PHE B 530 21.22 -1.44 -23.69
CA PHE B 530 21.90 -2.47 -24.48
C PHE B 530 21.65 -3.86 -23.91
N TRP B 531 21.87 -4.05 -22.60
CA TRP B 531 21.78 -5.37 -22.00
C TRP B 531 20.34 -5.81 -21.79
N ASN B 532 19.45 -4.89 -21.41
CA ASN B 532 18.09 -5.25 -21.03
C ASN B 532 17.08 -5.20 -22.18
N ARG B 533 17.35 -4.43 -23.23
CA ARG B 533 16.39 -4.25 -24.31
C ARG B 533 16.85 -4.88 -25.63
N PHE B 534 18.08 -4.65 -26.05
CA PHE B 534 18.50 -5.07 -27.38
C PHE B 534 19.04 -6.51 -27.40
N LEU B 535 19.97 -6.83 -26.50
CA LEU B 535 20.62 -8.13 -26.55
C LEU B 535 19.66 -9.31 -26.45
N PRO B 536 18.61 -9.30 -25.62
CA PRO B 536 17.65 -10.42 -25.67
C PRO B 536 17.02 -10.62 -27.04
N LYS B 537 16.76 -9.53 -27.77
CA LYS B 537 16.22 -9.66 -29.12
C LYS B 537 17.24 -10.30 -30.04
N LEU B 538 18.53 -9.96 -29.87
CA LEU B 538 19.56 -10.49 -30.75
C LEU B 538 19.77 -11.98 -30.53
N LEU B 539 19.83 -12.41 -29.26
CA LEU B 539 20.14 -13.81 -28.97
C LEU B 539 19.03 -14.74 -29.37
N SER B 540 17.78 -14.25 -29.42
CA SER B 540 16.64 -15.06 -29.83
C SER B 540 16.37 -14.97 -31.33
N ALA B 541 17.17 -14.22 -32.08
CA ALA B 541 16.97 -14.07 -33.52
C ALA B 541 18.14 -14.61 -34.32
C1 NAG C . -37.43 -10.03 -12.53
C2 NAG C . -38.65 -10.76 -13.09
C3 NAG C . -39.94 -10.07 -12.63
C4 NAG C . -39.98 -10.02 -11.12
C5 NAG C . -38.72 -9.32 -10.58
C6 NAG C . -38.61 -9.39 -9.07
C7 NAG C . -38.55 -12.00 -15.20
C8 NAG C . -38.54 -13.23 -14.36
N2 NAG C . -38.60 -10.83 -14.55
O3 NAG C . -41.06 -10.78 -13.12
O4 NAG C . -41.15 -9.32 -10.69
O5 NAG C . -37.54 -9.96 -11.10
O6 NAG C . -39.06 -10.66 -8.61
O7 NAG C . -38.50 -12.04 -16.43
C1 NAG C . -41.93 -10.11 -9.75
C2 NAG C . -42.86 -9.16 -8.99
C3 NAG C . -43.72 -9.94 -7.99
C4 NAG C . -44.44 -11.09 -8.69
C5 NAG C . -43.45 -11.95 -9.45
C6 NAG C . -44.10 -13.05 -10.25
C7 NAG C . -41.94 -6.88 -8.75
C8 NAG C . -41.11 -5.97 -7.91
N2 NAG C . -42.09 -8.13 -8.29
O3 NAG C . -44.66 -9.06 -7.40
O4 NAG C . -45.13 -11.89 -7.73
O5 NAG C . -42.72 -11.14 -10.39
O6 NAG C . -44.91 -12.53 -11.30
O7 NAG C . -42.46 -6.52 -9.80
C1 FUC C . -38.22 -11.18 -7.56
C2 FUC C . -38.94 -12.44 -7.05
C3 FUC C . -38.92 -13.53 -8.12
C4 FUC C . -37.48 -13.83 -8.51
C5 FUC C . -36.83 -12.54 -9.02
C6 FUC C . -35.35 -12.70 -9.35
O2 FUC C . -40.28 -12.16 -6.64
O3 FUC C . -39.50 -14.74 -7.63
O4 FUC C . -36.78 -14.30 -7.37
O5 FUC C . -36.93 -11.48 -8.03
C1 NAG D . 50.09 -7.77 -14.64
C2 NAG D . 51.03 -7.73 -15.85
C3 NAG D . 50.60 -8.75 -16.90
C4 NAG D . 50.44 -10.14 -16.29
C5 NAG D . 49.50 -10.07 -15.08
C6 NAG D . 49.35 -11.40 -14.38
C7 NAG D . 52.23 -5.77 -16.71
C8 NAG D . 53.49 -6.50 -16.40
N2 NAG D . 51.09 -6.40 -16.42
O3 NAG D . 51.58 -8.79 -17.93
O4 NAG D . 49.90 -11.00 -17.28
O5 NAG D . 50.00 -9.12 -14.13
O6 NAG D . 49.85 -11.39 -13.05
O7 NAG D . 52.24 -4.64 -17.20
C1 NAG D . 50.69 -12.20 -17.38
C2 NAG D . 49.73 -13.25 -17.95
C3 NAG D . 50.47 -14.57 -18.24
C4 NAG D . 51.81 -14.35 -18.93
C5 NAG D . 52.59 -13.23 -18.24
C6 NAG D . 53.88 -12.89 -18.93
C7 NAG D . 47.35 -13.43 -17.34
C8 NAG D . 46.38 -13.68 -16.22
N2 NAG D . 48.64 -13.48 -17.01
O3 NAG D . 49.64 -15.36 -19.08
O4 NAG D . 52.58 -15.55 -18.87
O5 NAG D . 51.79 -12.06 -18.23
O6 NAG D . 54.58 -11.87 -18.23
O7 NAG D . 46.98 -13.18 -18.48
C1 FUC D . 51.27 -11.72 -13.03
C2 FUC D . 51.82 -10.94 -11.85
C3 FUC D . 53.32 -11.18 -11.71
C4 FUC D . 53.60 -12.68 -11.52
C5 FUC D . 52.86 -13.56 -12.58
C6 FUC D . 53.61 -13.70 -13.91
O2 FUC D . 51.15 -11.28 -10.64
O3 FUC D . 54.00 -10.73 -12.88
O4 FUC D . 55.00 -12.93 -11.57
O5 FUC D . 51.49 -13.12 -12.89
C1 NAG E . -9.93 -12.18 -3.20
C2 NAG E . -10.66 -12.32 -1.89
C3 NAG E . -9.97 -13.40 -1.06
C4 NAG E . -9.88 -14.70 -1.85
C5 NAG E . -9.37 -14.49 -3.29
C6 NAG E . -9.60 -15.68 -4.18
C7 NAG E . -11.87 -10.44 -0.92
C8 NAG E . -11.78 -9.15 -0.16
N2 NAG E . -10.72 -11.06 -1.16
O3 NAG E . -10.65 -13.59 0.17
O4 NAG E . -8.97 -15.59 -1.21
O5 NAG E . -10.04 -13.38 -3.92
O6 NAG E . -9.57 -16.90 -3.46
O7 NAG E . -12.96 -10.89 -1.30
O3 HLO F . -37.98 0.81 8.02
C14 HLO F . -37.17 1.65 7.82
N4 HLO F . -36.69 2.49 8.89
C11 HLO F . -36.60 1.82 6.42
C10 HLO F . -35.60 2.72 6.19
C9 HLO F . -35.09 2.86 4.90
N3 HLO F . -35.61 2.11 3.90
C13 HLO F . -36.59 1.22 4.13
C12 HLO F . -37.09 1.07 5.42
C8 HLO F . -35.07 2.22 2.57
O2 HLO F . -34.15 1.19 2.55
C7 HLO F . -34.07 0.46 1.36
N2 HLO F . -33.05 1.08 0.54
C2 HLO F . -31.74 0.98 0.88
C1 HLO F . -31.30 0.21 2.13
N1 HLO F . -30.62 0.81 2.99
O1 HLO F . -30.20 0.16 4.17
C3 HLO F . -30.78 1.58 0.10
C4 HLO F . -31.15 2.28 -1.01
C5 HLO F . -32.46 2.37 -1.35
C6 HLO F . -33.42 1.76 -0.56
C22 HLO F . -30.12 2.95 -1.91
N5 HLO F . -28.95 3.17 -1.51
O4 HLO F . -28.06 3.80 -2.39
C1 FUC G . -47.83 19.25 34.21
C2 FUC G . -49.09 19.31 33.35
C3 FUC G . -49.29 18.01 32.53
C4 FUC G . -47.98 17.44 31.90
C5 FUC G . -46.72 17.69 32.76
C6 FUC G . -46.46 16.61 33.81
O2 FUC G . -49.11 20.45 32.49
O3 FUC G . -49.88 16.99 33.36
O4 FUC G . -48.13 16.04 31.68
O5 FUC G . -46.70 18.96 33.45
C1 NAG H . -48.63 22.07 27.56
C2 NAG H . -48.18 23.50 27.85
C3 NAG H . -46.66 23.57 27.97
C4 NAG H . -46.13 22.51 28.91
C5 NAG H . -46.68 21.14 28.55
C6 NAG H . -46.28 20.06 29.52
C7 NAG H . -49.97 24.59 26.53
C8 NAG H . -50.25 25.57 25.43
N2 NAG H . -48.67 24.41 26.83
O3 NAG H . -46.29 24.86 28.43
O4 NAG H . -44.70 22.48 28.85
O5 NAG H . -48.11 21.18 28.55
O6 NAG H . -46.80 20.31 30.82
O7 NAG H . -50.86 24.00 27.12
C1 NAG I . -44.83 24.05 31.71
C2 NAG I . -43.58 23.66 32.47
C3 NAG I . -43.76 23.99 33.96
C4 NAG I . -45.21 24.25 34.35
C5 NAG I . -45.90 25.26 33.42
C6 NAG I . -45.86 26.68 33.94
C7 NAG I . -42.35 21.83 31.39
C8 NAG I . -41.66 22.90 30.57
N2 NAG I . -43.26 22.27 32.29
O3 NAG I . -42.96 25.11 34.30
O4 NAG I . -45.95 23.04 34.37
O5 NAG I . -45.27 25.29 32.12
O6 NAG I . -45.64 27.61 32.89
O7 NAG I . -42.09 20.65 31.25
C1 NAG J . 45.21 -1.23 11.54
C2 NAG J . 46.34 -1.28 12.59
C3 NAG J . 46.93 -2.69 12.68
C4 NAG J . 45.83 -3.73 12.85
C5 NAG J . 44.76 -3.55 11.79
C6 NAG J . 43.58 -4.48 11.93
C7 NAG J . 48.07 -0.23 11.15
C8 NAG J . 49.12 0.83 11.07
N2 NAG J . 47.39 -0.30 12.30
O3 NAG J . 47.84 -2.76 13.77
O4 NAG J . 46.37 -5.04 12.74
O5 NAG J . 44.23 -2.22 11.85
O6 NAG J . 42.58 -4.19 10.96
O7 NAG J . 47.86 -1.00 10.22
O3 HLO K . 36.94 -25.24 -7.60
C14 HLO K . 36.02 -24.74 -7.04
N4 HLO K . 35.18 -25.54 -6.15
C11 HLO K . 35.76 -23.26 -7.22
C10 HLO K . 36.64 -22.52 -7.92
C9 HLO K . 36.42 -21.16 -8.08
N3 HLO K . 35.34 -20.59 -7.52
C13 HLO K . 34.45 -21.31 -6.80
C12 HLO K . 34.66 -22.67 -6.65
C8 HLO K . 35.16 -19.16 -7.71
O2 HLO K . 36.45 -18.63 -7.68
C7 HLO K . 36.62 -17.52 -8.51
N2 HLO K . 36.08 -16.40 -7.79
C2 HLO K . 35.05 -15.61 -8.23
C1 HLO K . 34.25 -15.73 -9.55
N1 HLO K . 34.49 -16.21 -10.69
O1 HLO K . 35.65 -16.85 -11.15
C3 HLO K . 34.63 -14.59 -7.39
C4 HLO K . 35.21 -14.36 -6.20
C5 HLO K . 36.22 -15.15 -5.77
C6 HLO K . 36.65 -16.17 -6.58
C22 HLO K . 34.70 -13.21 -5.33
N5 HLO K . 33.88 -12.40 -5.80
O4 HLO K . 33.41 -11.35 -5.00
#